data_9MLK
#
_entry.id   9MLK
#
_cell.length_a   1.00
_cell.length_b   1.00
_cell.length_c   1.00
_cell.angle_alpha   90.00
_cell.angle_beta   90.00
_cell.angle_gamma   90.00
#
_symmetry.space_group_name_H-M   'P 1'
#
loop_
_entity.id
_entity.type
_entity.pdbx_description
1 polymer 'Kenv-4 Fab Heavy Chain'
2 polymer 'Kenv-4 Fab Light Chain'
3 polymer 'Transmembrane protein'
#
loop_
_entity_poly.entity_id
_entity_poly.type
_entity_poly.pdbx_seq_one_letter_code
_entity_poly.pdbx_strand_id
1 'polypeptide(L)'
;DVQLQESGPGLVKPSQSLSLTCTVTGYSITSDYAWNWIRQFPGNELEWMGYISYSGSTSYNPSLKSRISITRDTSKNQFF
LQLNPVTTEDTATYYCARSVILGAWFAYWGQGTLVTVSAASTKGPSVFPLAPSSKSTSGGTAALGCLVKDYFPEPVTVSW
NSGALTSGVHTFPAVLQSSGLYSLSSVVTVPSSSLGTQTYICNVNHKPSNTKVDKRVEPKSCDKTHTCPPCPAPELLGGP
SVFLFPPKPKDTLMISRTPEVTCVVVDVSHEDPEVKFNWYVDGVEVHNAKTKPREEQYNSTYRVVSVLTVLHQDWLNGKE
YKCKVSNKALPAPIEKTISKAKGQPREPQVYTLPPSREEMTKNQVSLTCLVKGFYPSDIAVEWESNGQPENNYKTTPPVL
DSDGSFFLYSKLTVDKSRWQQGNVFSCSVMHEALHNHYTQKSLSLSPGK
;
H,I,J
2 'polypeptide(L)'
;DIKMTQSPSLMSASPGEKVTMTCSASSSITYMYWYQQKPRSSPKPWIYLTSNLASGVPARFSGSGSGTSYSLTISSMEAE
DAATYYCQQWSSNPLTFGAGTKLEIKRTVAAPSVFIFPPSDEQLKSGTASVVCLLNNFYPREAKVQWKVDNALQSGNSQE
SVTEQDSKDSTYSLSSTLTLSKADYEKHKVYACEVTHQGLSSPVTKSFNRGEC
;
L,M,N
3 'polypeptide(L)'
;VNFVNDWQKNSTRLWNSQSSIDQKLANQINDLRQTVIWMGDRLMSLEHRFQLQCDWNTSDFCITPQIYNESEHHWDMVRR
HLQGREDNLTLDISKLKEQIFEASKAHLNLVPGTEAIAGVADGLANLNPVTWVKT
;
A,C,B
#
# COMPACT_ATOMS: atom_id res chain seq x y z
N ASP A 1 -35.28 1.11 2.76
CA ASP A 1 -33.92 1.22 3.30
C ASP A 1 -33.54 -0.06 4.03
N VAL A 2 -32.53 0.03 4.89
CA VAL A 2 -32.02 -1.12 5.63
C VAL A 2 -32.54 -1.06 7.06
N GLN A 3 -33.19 -2.13 7.49
CA GLN A 3 -33.76 -2.23 8.83
C GLN A 3 -33.21 -3.48 9.50
N LEU A 4 -32.56 -3.30 10.65
CA LEU A 4 -32.06 -4.42 11.43
C LEU A 4 -32.96 -4.63 12.65
N GLN A 5 -33.44 -5.87 12.80
CA GLN A 5 -34.33 -6.22 13.91
C GLN A 5 -33.76 -7.43 14.61
N GLU A 6 -33.01 -7.18 15.67
CA GLU A 6 -32.37 -8.26 16.42
C GLU A 6 -33.31 -8.86 17.44
N SER A 7 -32.98 -10.07 17.90
CA SER A 7 -33.79 -10.77 18.89
C SER A 7 -32.91 -11.75 19.65
N GLY A 8 -33.37 -12.11 20.85
CA GLY A 8 -32.66 -13.07 21.67
C GLY A 8 -33.36 -13.29 23.00
N PRO A 9 -32.90 -14.29 23.75
CA PRO A 9 -33.48 -14.55 25.07
C PRO A 9 -33.17 -13.42 26.05
N GLY A 10 -34.06 -13.28 27.03
CA GLY A 10 -33.96 -12.18 27.98
C GLY A 10 -32.95 -12.37 29.08
N LEU A 11 -33.08 -13.46 29.85
CA LEU A 11 -32.23 -13.73 30.98
C LEU A 11 -31.42 -14.99 30.72
N VAL A 12 -30.14 -14.96 31.09
CA VAL A 12 -29.22 -16.06 30.84
C VAL A 12 -28.55 -16.44 32.17
N LYS A 13 -28.60 -17.73 32.50
CA LYS A 13 -27.92 -18.19 33.70
C LYS A 13 -26.41 -18.10 33.52
N PRO A 14 -25.68 -17.84 34.59
CA PRO A 14 -24.21 -17.73 34.46
C PRO A 14 -23.60 -19.04 33.98
N SER A 15 -22.56 -18.91 33.15
CA SER A 15 -21.78 -20.04 32.63
C SER A 15 -22.62 -20.93 31.71
N GLN A 16 -23.40 -20.32 30.83
CA GLN A 16 -23.99 -20.99 29.68
C GLN A 16 -23.89 -20.08 28.46
N SER A 17 -24.22 -20.65 27.30
CA SER A 17 -24.04 -19.97 26.03
C SER A 17 -25.17 -18.97 25.78
N LEU A 18 -24.79 -17.81 25.24
CA LEU A 18 -25.75 -16.78 24.86
C LEU A 18 -25.83 -16.71 23.34
N SER A 19 -27.06 -16.79 22.82
CA SER A 19 -27.30 -16.78 21.38
C SER A 19 -28.12 -15.55 21.03
N LEU A 20 -27.69 -14.83 20.00
CA LEU A 20 -28.40 -13.66 19.51
C LEU A 20 -28.57 -13.77 18.00
N THR A 21 -29.65 -13.18 17.49
CA THR A 21 -29.97 -13.22 16.08
C THR A 21 -30.29 -11.81 15.60
N CYS A 22 -29.80 -11.46 14.42
CA CYS A 22 -30.06 -10.16 13.82
C CYS A 22 -30.63 -10.38 12.42
N THR A 23 -31.84 -9.89 12.19
CA THR A 23 -32.53 -10.06 10.92
C THR A 23 -32.44 -8.77 10.12
N VAL A 24 -31.94 -8.86 8.90
CA VAL A 24 -31.74 -7.72 8.03
C VAL A 24 -32.78 -7.74 6.93
N THR A 25 -33.42 -6.60 6.69
CA THR A 25 -34.48 -6.48 5.69
C THR A 25 -34.14 -5.39 4.70
N GLY A 26 -34.43 -5.65 3.42
CA GLY A 26 -34.21 -4.69 2.36
C GLY A 26 -32.84 -4.70 1.74
N TYR A 27 -31.91 -5.51 2.25
CA TYR A 27 -30.56 -5.55 1.72
C TYR A 27 -29.91 -6.87 2.10
N SER A 28 -29.35 -7.57 1.12
CA SER A 28 -28.68 -8.83 1.36
C SER A 28 -27.39 -8.61 2.13
N ILE A 29 -27.12 -9.48 3.11
CA ILE A 29 -25.91 -9.36 3.92
C ILE A 29 -24.68 -9.93 3.24
N THR A 30 -24.80 -10.41 2.01
CA THR A 30 -23.65 -10.88 1.25
C THR A 30 -23.19 -9.88 0.20
N SER A 31 -24.02 -8.89 -0.13
CA SER A 31 -23.66 -7.95 -1.20
C SER A 31 -22.46 -7.10 -0.83
N ASP A 32 -22.49 -6.48 0.34
CA ASP A 32 -21.44 -5.55 0.73
C ASP A 32 -21.55 -5.26 2.22
N TYR A 33 -20.67 -4.37 2.69
CA TYR A 33 -20.66 -3.85 4.06
C TYR A 33 -20.30 -4.91 5.10
N ALA A 34 -19.91 -4.46 6.28
CA ALA A 34 -19.69 -5.32 7.44
C ALA A 34 -20.92 -5.29 8.34
N TRP A 35 -20.97 -6.23 9.28
CA TRP A 35 -22.12 -6.38 10.16
C TRP A 35 -21.62 -6.60 11.58
N ASN A 36 -21.74 -5.59 12.42
CA ASN A 36 -21.09 -5.54 13.72
C ASN A 36 -22.05 -5.97 14.84
N TRP A 37 -21.46 -6.19 16.01
CA TRP A 37 -22.20 -6.47 17.23
C TRP A 37 -21.63 -5.59 18.33
N ILE A 38 -22.47 -4.73 18.91
CA ILE A 38 -22.05 -3.77 19.91
C ILE A 38 -22.96 -3.89 21.13
N ARG A 39 -22.38 -3.76 22.32
CA ARG A 39 -23.12 -3.85 23.57
C ARG A 39 -22.85 -2.64 24.42
N GLN A 40 -23.82 -2.28 25.25
CA GLN A 40 -23.73 -1.12 26.14
C GLN A 40 -24.02 -1.56 27.56
N PHE A 41 -23.06 -1.35 28.46
CA PHE A 41 -23.20 -1.76 29.84
C PHE A 41 -24.17 -0.83 30.58
N PRO A 42 -24.67 -1.26 31.73
CA PRO A 42 -25.63 -0.42 32.47
C PRO A 42 -25.09 0.95 32.84
N GLY A 43 -23.77 1.12 32.87
CA GLY A 43 -23.17 2.42 33.09
C GLY A 43 -23.07 3.26 31.85
N ASN A 44 -23.76 2.87 30.77
CA ASN A 44 -23.77 3.60 29.51
C ASN A 44 -22.36 3.69 28.90
N GLU A 45 -21.68 2.55 28.86
CA GLU A 45 -20.37 2.44 28.22
C GLU A 45 -20.50 1.53 27.00
N LEU A 46 -20.09 2.03 25.85
CA LEU A 46 -20.20 1.27 24.61
C LEU A 46 -18.94 0.46 24.37
N GLU A 47 -19.12 -0.80 23.99
CA GLU A 47 -18.01 -1.68 23.67
C GLU A 47 -18.32 -2.45 22.40
N TRP A 48 -17.37 -2.46 21.48
CA TRP A 48 -17.51 -3.20 20.23
C TRP A 48 -17.01 -4.61 20.42
N MET A 49 -17.75 -5.58 19.88
CA MET A 49 -17.43 -7.00 20.08
C MET A 49 -16.79 -7.63 18.85
N GLY A 50 -17.44 -7.51 17.70
CA GLY A 50 -16.89 -8.06 16.48
C GLY A 50 -17.83 -7.85 15.32
N TYR A 51 -17.39 -8.31 14.15
CA TYR A 51 -18.24 -8.24 12.96
C TYR A 51 -17.95 -9.43 12.07
N ILE A 52 -18.87 -9.69 11.15
CA ILE A 52 -18.68 -10.66 10.09
C ILE A 52 -18.80 -9.90 8.76
N SER A 53 -17.81 -10.08 7.90
CA SER A 53 -17.79 -9.36 6.65
C SER A 53 -18.83 -9.91 5.68
N TYR A 54 -19.03 -9.19 4.57
CA TYR A 54 -19.96 -9.63 3.55
C TYR A 54 -19.50 -10.90 2.85
N SER A 55 -18.22 -11.26 2.98
CA SER A 55 -17.67 -12.46 2.37
C SER A 55 -17.44 -13.58 3.37
N GLY A 56 -17.74 -13.37 4.65
CA GLY A 56 -17.56 -14.37 5.67
C GLY A 56 -16.37 -14.15 6.57
N SER A 57 -15.49 -13.20 6.25
CA SER A 57 -14.36 -12.90 7.12
C SER A 57 -14.85 -12.29 8.42
N THR A 58 -14.27 -12.72 9.53
CA THR A 58 -14.69 -12.29 10.85
C THR A 58 -13.51 -11.70 11.61
N SER A 59 -13.76 -10.59 12.31
CA SER A 59 -12.79 -9.98 13.20
C SER A 59 -13.43 -9.83 14.57
N TYR A 60 -12.66 -10.12 15.61
CA TYR A 60 -13.17 -10.17 16.97
C TYR A 60 -12.37 -9.24 17.87
N ASN A 61 -13.04 -8.75 18.91
CA ASN A 61 -12.35 -7.95 19.91
C ASN A 61 -11.27 -8.78 20.59
N PRO A 62 -10.05 -8.24 20.76
CA PRO A 62 -8.97 -9.05 21.37
C PRO A 62 -9.28 -9.51 22.78
N SER A 63 -10.17 -8.83 23.50
CA SER A 63 -10.54 -9.23 24.85
C SER A 63 -11.64 -10.28 24.88
N LEU A 64 -12.25 -10.58 23.74
CA LEU A 64 -13.35 -11.54 23.68
C LEU A 64 -13.12 -12.69 22.70
N LYS A 65 -11.96 -12.75 22.04
CA LYS A 65 -11.76 -13.72 20.97
C LYS A 65 -11.84 -15.15 21.49
N SER A 66 -11.37 -15.40 22.72
CA SER A 66 -11.37 -16.75 23.26
C SER A 66 -12.77 -17.25 23.59
N ARG A 67 -13.79 -16.38 23.56
CA ARG A 67 -15.13 -16.75 23.96
C ARG A 67 -16.22 -16.34 22.98
N ILE A 68 -15.89 -15.55 21.96
CA ILE A 68 -16.90 -15.03 21.02
C ILE A 68 -16.77 -15.76 19.70
N SER A 69 -17.88 -15.79 18.96
CA SER A 69 -17.92 -16.40 17.64
C SER A 69 -19.16 -15.89 16.92
N ILE A 70 -19.01 -15.53 15.65
CA ILE A 70 -20.08 -14.97 14.85
C ILE A 70 -20.25 -15.81 13.59
N THR A 71 -21.49 -16.19 13.31
CA THR A 71 -21.85 -16.93 12.09
C THR A 71 -22.96 -16.17 11.37
N ARG A 72 -23.51 -16.79 10.34
CA ARG A 72 -24.55 -16.14 9.55
C ARG A 72 -25.36 -17.20 8.82
N ASP A 73 -26.43 -16.75 8.15
CA ASP A 73 -27.30 -17.61 7.36
C ASP A 73 -27.73 -16.81 6.14
N THR A 74 -27.15 -17.16 4.99
CA THR A 74 -27.38 -16.39 3.77
C THR A 74 -28.83 -16.48 3.31
N SER A 75 -29.44 -17.66 3.40
CA SER A 75 -30.78 -17.85 2.84
C SER A 75 -31.81 -16.97 3.53
N LYS A 76 -31.75 -16.88 4.86
CA LYS A 76 -32.69 -16.08 5.62
C LYS A 76 -32.22 -14.65 5.85
N ASN A 77 -31.02 -14.30 5.36
CA ASN A 77 -30.46 -12.95 5.53
C ASN A 77 -30.33 -12.58 7.01
N GLN A 78 -29.73 -13.50 7.78
CA GLN A 78 -29.52 -13.30 9.20
C GLN A 78 -28.07 -13.63 9.55
N PHE A 79 -27.54 -12.89 10.53
CA PHE A 79 -26.22 -13.18 11.09
C PHE A 79 -26.35 -13.23 12.61
N PHE A 80 -25.67 -14.20 13.21
CA PHE A 80 -25.88 -14.53 14.61
C PHE A 80 -24.62 -14.28 15.43
N LEU A 81 -24.83 -14.08 16.73
CA LEU A 81 -23.77 -13.93 17.71
C LEU A 81 -23.82 -15.08 18.70
N GLN A 82 -22.65 -15.52 19.15
CA GLN A 82 -22.58 -16.65 20.08
C GLN A 82 -21.50 -16.36 21.12
N LEU A 83 -21.73 -16.85 22.35
CA LEU A 83 -20.83 -16.59 23.47
C LEU A 83 -20.95 -17.76 24.44
N ASN A 84 -19.95 -18.66 24.45
CA ASN A 84 -20.07 -19.86 25.28
C ASN A 84 -20.02 -19.53 26.77
N PRO A 85 -18.93 -18.95 27.33
CA PRO A 85 -18.97 -18.63 28.76
C PRO A 85 -19.45 -17.21 29.03
N VAL A 86 -20.31 -17.05 30.04
CA VAL A 86 -20.83 -15.75 30.41
C VAL A 86 -20.76 -15.60 31.92
N THR A 87 -20.89 -14.36 32.38
CA THR A 87 -20.91 -14.04 33.80
C THR A 87 -21.74 -12.78 34.00
N THR A 88 -21.80 -12.31 35.24
CA THR A 88 -22.61 -11.14 35.54
C THR A 88 -22.10 -9.87 34.87
N GLU A 89 -20.89 -9.89 34.34
CA GLU A 89 -20.37 -8.73 33.62
C GLU A 89 -20.90 -8.64 32.19
N ASP A 90 -21.60 -9.66 31.71
CA ASP A 90 -22.18 -9.64 30.37
C ASP A 90 -23.56 -8.99 30.36
N THR A 91 -24.07 -8.54 31.50
CA THR A 91 -25.34 -7.82 31.55
C THR A 91 -25.18 -6.49 30.83
N ALA A 92 -25.80 -6.36 29.67
CA ALA A 92 -25.66 -5.16 28.86
C ALA A 92 -26.82 -5.11 27.87
N THR A 93 -26.85 -4.05 27.07
CA THR A 93 -27.80 -3.89 25.98
C THR A 93 -27.04 -4.06 24.67
N TYR A 94 -27.39 -5.08 23.90
CA TYR A 94 -26.68 -5.43 22.68
C TYR A 94 -27.32 -4.75 21.48
N TYR A 95 -26.52 -4.47 20.45
CA TYR A 95 -26.98 -3.75 19.28
C TYR A 95 -26.44 -4.39 18.01
N CYS A 96 -27.15 -4.15 16.91
CA CYS A 96 -26.67 -4.47 15.57
C CYS A 96 -26.16 -3.20 14.90
N ALA A 97 -25.31 -3.40 13.88
CA ALA A 97 -24.76 -2.26 13.18
C ALA A 97 -24.24 -2.70 11.81
N ARG A 98 -24.46 -1.84 10.81
CA ARG A 98 -23.88 -2.00 9.48
C ARG A 98 -22.86 -0.89 9.28
N SER A 99 -21.61 -1.26 9.07
CA SER A 99 -20.53 -0.30 8.99
C SER A 99 -19.88 -0.32 7.60
N VAL A 100 -19.31 0.82 7.23
CA VAL A 100 -18.56 0.91 5.99
C VAL A 100 -17.31 0.04 6.10
N ILE A 101 -16.93 -0.58 4.99
CA ILE A 101 -15.91 -1.62 5.02
C ILE A 101 -14.54 -1.06 5.46
N LEU A 102 -14.17 0.12 4.99
CA LEU A 102 -12.84 0.63 5.29
C LEU A 102 -12.76 1.13 6.73
N GLY A 103 -13.77 1.86 7.19
CA GLY A 103 -13.71 2.46 8.52
C GLY A 103 -14.64 1.83 9.52
N ALA A 104 -14.99 2.59 10.56
CA ALA A 104 -15.87 2.09 11.60
C ALA A 104 -17.11 2.97 11.71
N TRP A 105 -17.70 3.32 10.58
CA TRP A 105 -18.85 4.21 10.52
C TRP A 105 -20.11 3.38 10.62
N PHE A 106 -20.63 3.24 11.83
CA PHE A 106 -21.88 2.49 12.06
C PHE A 106 -23.04 3.37 11.64
N ALA A 107 -23.35 3.34 10.35
CA ALA A 107 -24.39 4.20 9.80
C ALA A 107 -25.80 3.71 10.07
N TYR A 108 -25.96 2.44 10.47
CA TYR A 108 -27.26 1.90 10.79
C TYR A 108 -27.17 1.10 12.09
N TRP A 109 -28.27 1.07 12.83
CA TRP A 109 -28.31 0.42 14.13
C TRP A 109 -29.61 -0.34 14.27
N GLY A 110 -29.63 -1.28 15.22
CA GLY A 110 -30.81 -2.04 15.52
C GLY A 110 -31.65 -1.40 16.61
N GLN A 111 -32.75 -2.09 16.95
CA GLN A 111 -33.62 -1.60 18.01
C GLN A 111 -32.91 -1.59 19.36
N GLY A 112 -32.18 -2.65 19.67
CA GLY A 112 -31.49 -2.75 20.95
C GLY A 112 -32.17 -3.70 21.92
N THR A 113 -31.62 -4.90 22.05
CA THR A 113 -32.18 -5.91 22.96
C THR A 113 -31.35 -5.97 24.23
N LEU A 114 -32.02 -6.19 25.35
CA LEU A 114 -31.37 -6.23 26.66
C LEU A 114 -31.20 -7.67 27.11
N VAL A 115 -29.99 -8.02 27.53
CA VAL A 115 -29.66 -9.34 28.03
C VAL A 115 -29.15 -9.19 29.46
N THR A 116 -29.78 -9.90 30.39
CA THR A 116 -29.37 -9.90 31.78
C THR A 116 -28.84 -11.27 32.16
N VAL A 117 -27.78 -11.29 32.96
CA VAL A 117 -27.17 -12.53 33.43
C VAL A 117 -27.44 -12.64 34.92
N SER A 118 -28.30 -13.59 35.30
CA SER A 118 -28.65 -13.81 36.69
C SER A 118 -29.30 -15.19 36.80
N ALA A 119 -29.68 -15.54 38.02
CA ALA A 119 -30.20 -16.85 38.35
C ALA A 119 -31.52 -16.76 39.10
N ALA A 120 -32.43 -15.92 38.61
CA ALA A 120 -33.75 -15.78 39.23
C ALA A 120 -34.59 -17.04 39.01
N ASP B 1 -6.46 -0.38 22.12
CA ASP B 1 -6.82 -0.14 23.51
C ASP B 1 -6.61 1.33 23.88
N ILE B 2 -6.80 2.20 22.89
CA ILE B 2 -6.64 3.63 23.12
C ILE B 2 -7.73 4.12 24.06
N LYS B 3 -7.33 4.87 25.09
CA LYS B 3 -8.27 5.40 26.07
C LYS B 3 -8.77 6.75 25.62
N MET B 4 -10.08 6.86 25.41
CA MET B 4 -10.71 8.10 24.96
C MET B 4 -11.44 8.74 26.14
N THR B 5 -11.07 9.97 26.45
CA THR B 5 -11.60 10.69 27.61
C THR B 5 -12.35 11.92 27.13
N GLN B 6 -13.57 12.10 27.63
CA GLN B 6 -14.38 13.29 27.34
C GLN B 6 -14.49 14.11 28.61
N SER B 7 -13.91 15.32 28.58
CA SER B 7 -13.82 16.12 29.80
C SER B 7 -15.16 16.54 30.37
N PRO B 8 -16.13 17.05 29.60
CA PRO B 8 -17.40 17.47 30.22
C PRO B 8 -18.33 16.30 30.46
N SER B 9 -18.15 15.59 31.58
CA SER B 9 -18.90 14.37 31.84
C SER B 9 -20.40 14.64 31.89
N LEU B 10 -20.80 15.71 32.57
CA LEU B 10 -22.20 16.11 32.65
C LEU B 10 -22.24 17.63 32.59
N MET B 11 -22.74 18.16 31.48
CA MET B 11 -22.60 19.58 31.15
C MET B 11 -23.97 20.20 30.91
N SER B 12 -24.53 20.78 31.96
CA SER B 12 -25.80 21.49 31.84
C SER B 12 -25.62 22.73 30.97
N ALA B 13 -26.64 23.02 30.16
CA ALA B 13 -26.62 24.17 29.26
C ALA B 13 -28.00 24.80 29.23
N SER B 14 -28.15 25.82 28.39
CA SER B 14 -29.38 26.58 28.22
C SER B 14 -29.64 26.80 26.75
N PRO B 15 -30.90 26.98 26.35
CA PRO B 15 -31.19 27.21 24.93
C PRO B 15 -30.51 28.47 24.41
N GLY B 16 -30.04 28.40 23.17
CA GLY B 16 -29.47 29.54 22.49
C GLY B 16 -28.02 29.85 22.81
N GLU B 17 -27.37 29.03 23.63
CA GLU B 17 -26.00 29.29 24.05
C GLU B 17 -25.00 28.54 23.17
N LYS B 18 -23.72 28.82 23.41
CA LYS B 18 -22.63 28.14 22.73
C LYS B 18 -22.22 26.94 23.57
N VAL B 19 -22.38 25.75 23.00
CA VAL B 19 -22.10 24.49 23.70
C VAL B 19 -20.93 23.81 23.01
N THR B 20 -19.91 23.45 23.79
CA THR B 20 -18.73 22.78 23.28
C THR B 20 -18.37 21.62 24.19
N MET B 21 -17.77 20.58 23.60
CA MET B 21 -17.33 19.40 24.34
C MET B 21 -16.11 18.82 23.64
N THR B 22 -15.20 18.27 24.44
CA THR B 22 -13.91 17.81 23.97
C THR B 22 -13.74 16.32 24.23
N CYS B 23 -13.12 15.62 23.28
CA CYS B 23 -12.81 14.20 23.41
C CYS B 23 -11.33 14.02 23.09
N SER B 24 -10.54 13.72 24.12
CA SER B 24 -9.10 13.56 23.98
C SER B 24 -8.73 12.08 23.96
N ALA B 25 -7.65 11.78 23.24
CA ALA B 25 -7.17 10.40 23.09
C ALA B 25 -5.78 10.27 23.68
N SER B 26 -5.49 9.07 24.20
CA SER B 26 -4.18 8.81 24.78
C SER B 26 -3.08 8.90 23.74
N SER B 27 -3.31 8.35 22.55
CA SER B 27 -2.32 8.35 21.48
C SER B 27 -3.02 8.73 20.17
N SER B 28 -2.23 8.83 19.11
CA SER B 28 -2.76 9.25 17.82
C SER B 28 -3.71 8.21 17.25
N ILE B 29 -4.75 8.69 16.56
CA ILE B 29 -5.74 7.83 15.94
C ILE B 29 -5.80 8.14 14.46
N THR B 30 -6.69 7.45 13.74
CA THR B 30 -6.87 7.67 12.31
C THR B 30 -8.19 8.36 11.98
N TYR B 31 -9.29 7.90 12.58
CA TYR B 31 -10.61 8.44 12.27
C TYR B 31 -11.33 8.82 13.56
N MET B 32 -12.20 9.81 13.46
CA MET B 32 -13.04 10.25 14.57
C MET B 32 -14.49 10.26 14.15
N TYR B 33 -15.37 9.76 15.02
CA TYR B 33 -16.79 9.74 14.78
C TYR B 33 -17.51 10.21 16.03
N TRP B 34 -18.71 10.76 15.84
CA TRP B 34 -19.55 11.22 16.94
C TRP B 34 -20.94 10.61 16.79
N TYR B 35 -21.54 10.23 17.92
CA TYR B 35 -22.88 9.65 17.92
C TYR B 35 -23.73 10.33 18.98
N GLN B 36 -25.03 10.43 18.71
CA GLN B 36 -26.00 10.92 19.66
C GLN B 36 -26.88 9.79 20.14
N GLN B 37 -27.06 9.70 21.46
CA GLN B 37 -27.96 8.71 22.05
C GLN B 37 -28.92 9.41 22.98
N LYS B 38 -30.20 9.16 22.79
CA LYS B 38 -31.28 9.60 23.66
C LYS B 38 -31.74 8.45 24.54
N PRO B 39 -32.49 8.73 25.60
CA PRO B 39 -32.94 7.63 26.48
C PRO B 39 -33.78 6.62 25.72
N ARG B 40 -33.57 5.34 26.06
CA ARG B 40 -34.34 4.23 25.49
C ARG B 40 -34.28 4.20 23.97
N SER B 41 -33.11 4.49 23.41
CA SER B 41 -32.94 4.52 21.97
C SER B 41 -31.51 4.14 21.62
N SER B 42 -31.35 3.56 20.43
CA SER B 42 -30.04 3.19 19.94
C SER B 42 -29.27 4.45 19.55
N PRO B 43 -27.93 4.40 19.58
CA PRO B 43 -27.13 5.53 19.13
C PRO B 43 -27.41 5.88 17.67
N LYS B 44 -27.32 7.16 17.35
CA LYS B 44 -27.59 7.65 16.03
C LYS B 44 -26.31 8.19 15.40
N PRO B 45 -25.97 7.77 14.18
CA PRO B 45 -24.75 8.29 13.54
C PRO B 45 -24.86 9.79 13.33
N TRP B 46 -23.88 10.52 13.86
CA TRP B 46 -23.99 11.97 13.94
C TRP B 46 -22.94 12.68 13.11
N ILE B 47 -21.66 12.38 13.30
CA ILE B 47 -20.56 13.01 12.56
C ILE B 47 -19.56 11.92 12.18
N TYR B 48 -19.10 11.94 10.94
CA TYR B 48 -18.07 11.02 10.48
C TYR B 48 -16.90 11.80 9.91
N LEU B 49 -15.68 11.34 10.22
CA LEU B 49 -14.45 12.00 9.80
C LEU B 49 -14.35 13.41 10.36
N THR B 50 -14.95 13.60 11.54
CA THR B 50 -14.82 14.76 12.43
C THR B 50 -15.12 16.10 11.74
N SER B 51 -15.60 16.07 10.50
CA SER B 51 -16.05 17.30 9.85
C SER B 51 -17.34 17.17 9.08
N ASN B 52 -17.82 15.95 8.79
CA ASN B 52 -18.96 15.75 7.92
C ASN B 52 -20.19 15.39 8.75
N LEU B 53 -21.27 16.13 8.55
CA LEU B 53 -22.51 15.85 9.23
C LEU B 53 -23.26 14.73 8.53
N ALA B 54 -23.85 13.83 9.31
CA ALA B 54 -24.64 12.75 8.74
C ALA B 54 -25.93 13.30 8.13
N SER B 55 -26.57 12.47 7.31
CA SER B 55 -27.81 12.89 6.66
C SER B 55 -28.88 13.17 7.70
N GLY B 56 -29.50 14.35 7.59
CA GLY B 56 -30.51 14.78 8.53
C GLY B 56 -30.00 15.55 9.73
N VAL B 57 -28.70 15.62 9.92
CA VAL B 57 -28.15 16.36 11.07
C VAL B 57 -28.32 17.85 10.84
N PRO B 58 -28.79 18.61 11.83
CA PRO B 58 -28.94 20.06 11.65
C PRO B 58 -27.58 20.73 11.45
N ALA B 59 -27.60 21.84 10.71
CA ALA B 59 -26.39 22.58 10.41
C ALA B 59 -25.80 23.28 11.63
N ARG B 60 -26.53 23.33 12.75
CA ARG B 60 -26.06 24.00 13.95
C ARG B 60 -24.85 23.32 14.58
N PHE B 61 -24.55 22.08 14.19
CA PHE B 61 -23.48 21.31 14.79
C PHE B 61 -22.21 21.39 13.95
N SER B 62 -21.08 21.55 14.62
CA SER B 62 -19.79 21.62 13.96
C SER B 62 -18.82 20.66 14.63
N GLY B 63 -18.03 19.97 13.81
CA GLY B 63 -16.97 19.08 14.30
C GLY B 63 -15.62 19.61 13.88
N SER B 64 -14.64 19.45 14.77
CA SER B 64 -13.29 19.95 14.49
C SER B 64 -12.31 19.22 15.38
N GLY B 65 -11.04 19.33 15.03
CA GLY B 65 -9.96 18.77 15.83
C GLY B 65 -8.90 18.13 14.95
N SER B 66 -7.72 17.93 15.54
CA SER B 66 -6.63 17.26 14.87
C SER B 66 -5.69 16.69 15.93
N GLY B 67 -4.91 15.69 15.52
CA GLY B 67 -4.03 15.02 16.45
C GLY B 67 -4.78 14.18 17.46
N THR B 68 -4.67 14.54 18.74
CA THR B 68 -5.35 13.84 19.82
C THR B 68 -6.24 14.79 20.61
N SER B 69 -6.97 15.66 19.91
CA SER B 69 -7.84 16.62 20.57
C SER B 69 -8.95 17.00 19.58
N TYR B 70 -10.16 16.56 19.86
CA TYR B 70 -11.30 16.79 18.98
C TYR B 70 -12.43 17.42 19.77
N SER B 71 -13.25 18.22 19.08
CA SER B 71 -14.30 18.99 19.74
C SER B 71 -15.58 18.93 18.93
N LEU B 72 -16.70 18.83 19.63
CA LEU B 72 -18.02 18.96 19.05
C LEU B 72 -18.68 20.21 19.63
N THR B 73 -19.12 21.11 18.76
CA THR B 73 -19.66 22.40 19.17
C THR B 73 -21.06 22.59 18.63
N ILE B 74 -21.91 23.23 19.44
CA ILE B 74 -23.27 23.58 19.05
C ILE B 74 -23.37 25.10 19.04
N SER B 75 -23.75 25.65 17.89
CA SER B 75 -23.92 27.10 17.80
C SER B 75 -25.23 27.55 18.44
N SER B 76 -26.34 27.03 17.92
CA SER B 76 -27.68 27.36 18.43
C SER B 76 -28.19 26.16 19.23
N MET B 77 -27.94 26.19 20.53
CA MET B 77 -28.43 25.14 21.42
C MET B 77 -29.95 25.14 21.47
N GLU B 78 -30.54 23.99 21.18
CA GLU B 78 -31.97 23.77 21.32
C GLU B 78 -32.22 22.63 22.30
N ALA B 79 -33.34 22.72 23.02
CA ALA B 79 -33.65 21.73 24.05
C ALA B 79 -33.73 20.32 23.49
N GLU B 80 -34.04 20.15 22.21
CA GLU B 80 -34.11 18.82 21.61
C GLU B 80 -32.73 18.19 21.44
N ASP B 81 -31.66 18.95 21.63
CA ASP B 81 -30.30 18.44 21.52
C ASP B 81 -29.81 17.83 22.82
N ALA B 82 -30.64 17.78 23.86
CA ALA B 82 -30.24 17.31 25.18
C ALA B 82 -30.14 15.78 25.19
N ALA B 83 -28.98 15.29 24.75
CA ALA B 83 -28.74 13.86 24.70
C ALA B 83 -27.26 13.60 24.93
N THR B 84 -26.95 12.35 25.31
CA THR B 84 -25.57 11.95 25.49
C THR B 84 -24.86 11.86 24.15
N TYR B 85 -23.61 12.29 24.11
CA TYR B 85 -22.79 12.23 22.90
C TYR B 85 -21.56 11.39 23.14
N TYR B 86 -21.23 10.54 22.17
CA TYR B 86 -20.11 9.62 22.25
C TYR B 86 -19.12 9.87 21.12
N CYS B 87 -17.84 9.81 21.44
CA CYS B 87 -16.78 9.92 20.44
C CYS B 87 -16.14 8.55 20.23
N GLN B 88 -15.91 8.21 18.97
CA GLN B 88 -15.34 6.92 18.59
C GLN B 88 -14.09 7.14 17.75
N GLN B 89 -13.07 6.31 18.00
CA GLN B 89 -11.84 6.33 17.23
C GLN B 89 -11.64 4.98 16.55
N TRP B 90 -10.99 5.01 15.40
CA TRP B 90 -10.60 3.78 14.70
C TRP B 90 -9.16 3.94 14.24
N SER B 91 -8.24 3.31 14.96
CA SER B 91 -6.84 3.24 14.56
C SER B 91 -6.42 1.82 14.23
N SER B 92 -6.67 0.88 15.13
CA SER B 92 -6.42 -0.53 14.88
C SER B 92 -7.46 -1.33 15.65
N ASN B 93 -7.41 -2.65 15.49
CA ASN B 93 -8.32 -3.54 16.19
C ASN B 93 -7.95 -3.56 17.67
N PRO B 94 -8.87 -3.23 18.59
CA PRO B 94 -10.27 -2.84 18.41
C PRO B 94 -10.52 -1.34 18.45
N LEU B 95 -11.71 -0.92 18.06
CA LEU B 95 -12.12 0.47 18.18
C LEU B 95 -12.67 0.73 19.58
N THR B 96 -12.45 1.94 20.09
CA THR B 96 -12.83 2.30 21.44
C THR B 96 -13.81 3.47 21.40
N PHE B 97 -14.89 3.35 22.16
CA PHE B 97 -15.85 4.43 22.32
C PHE B 97 -15.46 5.32 23.49
N GLY B 98 -16.01 6.53 23.48
CA GLY B 98 -15.78 7.46 24.56
C GLY B 98 -16.60 7.13 25.80
N ALA B 99 -16.34 7.88 26.86
CA ALA B 99 -17.09 7.68 28.10
C ALA B 99 -18.51 8.19 27.97
N GLY B 100 -18.70 9.35 27.34
CA GLY B 100 -20.03 9.90 27.14
C GLY B 100 -20.24 11.25 27.80
N THR B 101 -20.54 12.26 26.98
CA THR B 101 -20.84 13.60 27.47
C THR B 101 -22.35 13.77 27.45
N LYS B 102 -22.97 13.58 28.62
CA LYS B 102 -24.39 13.85 28.74
C LYS B 102 -24.62 15.34 28.85
N LEU B 103 -25.55 15.86 28.06
CA LEU B 103 -25.79 17.30 27.94
C LEU B 103 -27.24 17.56 28.30
N GLU B 104 -27.48 18.11 29.48
CA GLU B 104 -28.84 18.38 29.92
C GLU B 104 -29.29 19.75 29.42
N ILE B 105 -30.45 20.20 29.88
CA ILE B 105 -30.96 21.53 29.56
C ILE B 105 -31.61 22.10 30.82
N LYS B 106 -31.66 23.43 30.88
CA LYS B 106 -32.25 24.11 32.02
C LYS B 106 -33.18 25.24 31.59
N ASP C 1 -7.22 16.08 -28.51
CA ASP C 1 -6.11 17.00 -28.57
C ASP C 1 -6.27 18.13 -27.56
N VAL C 2 -5.81 17.87 -26.33
CA VAL C 2 -5.92 18.86 -25.27
C VAL C 2 -5.02 20.05 -25.58
N GLN C 3 -5.56 21.25 -25.44
CA GLN C 3 -4.84 22.48 -25.74
C GLN C 3 -5.19 23.51 -24.67
N LEU C 4 -4.29 23.73 -23.73
CA LEU C 4 -4.52 24.68 -22.65
C LEU C 4 -4.26 26.09 -23.15
N GLN C 5 -5.16 27.01 -22.78
CA GLN C 5 -5.08 28.40 -23.22
C GLN C 5 -5.36 29.28 -22.02
N GLU C 6 -4.30 29.84 -21.44
CA GLU C 6 -4.40 30.64 -20.23
C GLU C 6 -4.40 32.13 -20.56
N SER C 7 -5.01 32.91 -19.68
CA SER C 7 -5.07 34.35 -19.85
C SER C 7 -5.28 35.01 -18.49
N GLY C 8 -4.93 36.29 -18.42
CA GLY C 8 -5.09 37.06 -17.21
C GLY C 8 -4.56 38.46 -17.38
N PRO C 9 -4.71 39.29 -16.34
CA PRO C 9 -4.18 40.67 -16.42
C PRO C 9 -2.66 40.66 -16.43
N GLY C 10 -2.09 41.47 -17.31
CA GLY C 10 -0.64 41.52 -17.45
C GLY C 10 0.06 42.45 -16.47
N LEU C 11 -0.68 43.17 -15.64
CA LEU C 11 -0.09 44.12 -14.71
C LEU C 11 -0.96 44.17 -13.46
N VAL C 12 -0.36 43.87 -12.31
CA VAL C 12 -1.05 43.96 -11.03
C VAL C 12 -0.22 44.80 -10.08
N LYS C 13 -0.90 45.55 -9.26
CA LYS C 13 -0.26 46.37 -8.25
C LYS C 13 0.09 45.53 -7.03
N PRO C 14 1.11 45.93 -6.26
CA PRO C 14 1.48 45.16 -5.07
C PRO C 14 0.34 45.08 -4.07
N SER C 15 0.27 43.94 -3.39
CA SER C 15 -0.77 43.65 -2.40
C SER C 15 -2.16 43.70 -3.04
N GLN C 16 -2.31 42.96 -4.14
CA GLN C 16 -3.58 42.87 -4.85
C GLN C 16 -3.76 41.44 -5.33
N SER C 17 -5.02 41.07 -5.57
CA SER C 17 -5.37 39.71 -5.95
C SER C 17 -5.05 39.47 -7.42
N LEU C 18 -4.52 38.28 -7.71
CA LEU C 18 -4.21 37.85 -9.07
C LEU C 18 -5.14 36.70 -9.45
N SER C 19 -5.84 36.85 -10.56
CA SER C 19 -6.78 35.85 -11.06
C SER C 19 -6.39 35.47 -12.48
N LEU C 20 -6.14 34.19 -12.71
CA LEU C 20 -5.81 33.67 -14.03
C LEU C 20 -6.77 32.54 -14.39
N THR C 21 -7.24 32.54 -15.63
CA THR C 21 -8.05 31.45 -16.15
C THR C 21 -7.19 30.55 -17.03
N CYS C 22 -7.70 29.36 -17.32
CA CYS C 22 -7.01 28.42 -18.20
C CYS C 22 -8.07 27.61 -18.93
N THR C 23 -8.43 28.06 -20.13
CA THR C 23 -9.41 27.36 -20.93
C THR C 23 -8.81 26.08 -21.50
N VAL C 24 -9.55 24.99 -21.42
CA VAL C 24 -9.11 23.69 -21.92
C VAL C 24 -9.99 23.30 -23.09
N THR C 25 -9.37 22.92 -24.20
CA THR C 25 -10.07 22.61 -25.44
C THR C 25 -9.76 21.18 -25.85
N GLY C 26 -10.81 20.43 -26.20
CA GLY C 26 -10.66 19.06 -26.63
C GLY C 26 -10.73 18.02 -25.53
N TYR C 27 -10.85 18.44 -24.27
CA TYR C 27 -10.90 17.51 -23.16
C TYR C 27 -11.72 18.12 -22.03
N SER C 28 -12.17 17.26 -21.12
CA SER C 28 -12.93 17.69 -19.96
C SER C 28 -12.05 17.60 -18.73
N ILE C 29 -11.97 18.71 -17.96
CA ILE C 29 -11.14 18.74 -16.77
C ILE C 29 -11.70 17.92 -15.63
N THR C 30 -12.89 17.35 -15.78
CA THR C 30 -13.45 16.46 -14.79
C THR C 30 -13.26 14.98 -15.14
N SER C 31 -12.95 14.68 -16.39
CA SER C 31 -12.85 13.29 -16.81
C SER C 31 -11.68 12.57 -16.15
N ASP C 32 -10.50 13.17 -16.19
CA ASP C 32 -9.30 12.52 -15.67
C ASP C 32 -8.18 13.55 -15.55
N TYR C 33 -7.01 13.06 -15.13
CA TYR C 33 -5.77 13.84 -15.04
C TYR C 33 -5.84 14.94 -13.99
N ALA C 34 -4.68 15.48 -13.65
CA ALA C 34 -4.58 16.66 -12.80
C ALA C 34 -4.23 17.88 -13.65
N TRP C 35 -4.44 19.06 -13.09
CA TRP C 35 -4.23 20.32 -13.79
C TRP C 35 -3.45 21.26 -12.89
N ASN C 36 -2.24 21.61 -13.33
CA ASN C 36 -1.25 22.28 -12.50
C ASN C 36 -1.07 23.73 -12.90
N TRP C 37 -0.39 24.48 -12.03
CA TRP C 37 0.04 25.84 -12.31
C TRP C 37 1.52 25.95 -11.99
N ILE C 38 2.30 26.47 -12.94
CA ILE C 38 3.75 26.57 -12.82
C ILE C 38 4.17 27.95 -13.30
N ARG C 39 5.19 28.51 -12.66
CA ARG C 39 5.69 29.83 -12.99
C ARG C 39 7.20 29.80 -13.17
N GLN C 40 7.71 30.74 -13.96
CA GLN C 40 9.13 30.85 -14.27
C GLN C 40 9.62 32.25 -13.93
N PHE C 41 10.53 32.33 -12.97
CA PHE C 41 11.08 33.61 -12.56
C PHE C 41 11.99 34.18 -13.64
N PRO C 42 12.28 35.48 -13.60
CA PRO C 42 13.12 36.08 -14.65
C PRO C 42 14.48 35.44 -14.80
N GLY C 43 15.01 34.82 -13.75
CA GLY C 43 16.25 34.08 -13.86
C GLY C 43 16.12 32.72 -14.51
N ASN C 44 14.92 32.38 -14.99
CA ASN C 44 14.66 31.15 -15.73
C ASN C 44 14.72 29.92 -14.85
N GLU C 45 14.26 30.01 -13.61
CA GLU C 45 14.07 28.85 -12.75
C GLU C 45 12.58 28.63 -12.53
N LEU C 46 12.13 27.40 -12.73
CA LEU C 46 10.71 27.07 -12.60
C LEU C 46 10.35 26.79 -11.15
N GLU C 47 9.09 27.06 -10.82
CA GLU C 47 8.54 26.70 -9.52
C GLU C 47 7.12 26.19 -9.71
N TRP C 48 6.81 25.08 -9.05
CA TRP C 48 5.48 24.48 -9.12
C TRP C 48 4.60 25.08 -8.03
N MET C 49 3.40 25.51 -8.40
CA MET C 49 2.51 26.21 -7.48
C MET C 49 1.50 25.27 -6.84
N GLY C 50 0.72 24.57 -7.65
CA GLY C 50 -0.25 23.63 -7.13
C GLY C 50 -1.04 23.02 -8.26
N TYR C 51 -1.99 22.16 -7.90
CA TYR C 51 -2.87 21.56 -8.89
C TYR C 51 -4.23 21.29 -8.28
N ILE C 52 -5.21 21.11 -9.16
CA ILE C 52 -6.53 20.64 -8.78
C ILE C 52 -6.83 19.40 -9.62
N SER C 53 -7.18 18.31 -8.95
CA SER C 53 -7.41 17.05 -9.64
C SER C 53 -8.73 17.10 -10.40
N TYR C 54 -9.03 16.00 -11.11
CA TYR C 54 -10.26 15.93 -11.87
C TYR C 54 -11.49 15.91 -10.97
N SER C 55 -11.37 15.34 -9.78
CA SER C 55 -12.49 15.24 -8.86
C SER C 55 -12.69 16.51 -8.03
N GLY C 56 -11.72 17.41 -8.01
CA GLY C 56 -11.83 18.66 -7.28
C GLY C 56 -10.88 18.78 -6.11
N SER C 57 -10.27 17.70 -5.65
CA SER C 57 -9.29 17.80 -4.57
C SER C 57 -8.04 18.52 -5.07
N THR C 58 -7.53 19.43 -4.24
CA THR C 58 -6.42 20.28 -4.62
C THR C 58 -5.24 20.09 -3.68
N SER C 59 -4.04 20.32 -4.20
CA SER C 59 -2.81 20.32 -3.43
C SER C 59 -2.03 21.57 -3.79
N TYR C 60 -1.35 22.14 -2.79
CA TYR C 60 -0.64 23.40 -2.96
C TYR C 60 0.79 23.27 -2.47
N ASN C 61 1.64 24.15 -2.99
CA ASN C 61 3.03 24.20 -2.56
C ASN C 61 3.09 24.57 -1.08
N PRO C 62 3.87 23.87 -0.26
CA PRO C 62 3.92 24.19 1.18
C PRO C 62 4.38 25.60 1.48
N SER C 63 5.16 26.22 0.59
CA SER C 63 5.64 27.58 0.83
C SER C 63 4.61 28.65 0.46
N LEU C 64 3.48 28.25 -0.12
CA LEU C 64 2.45 29.20 -0.54
C LEU C 64 1.05 28.83 -0.04
N LYS C 65 0.95 27.93 0.95
CA LYS C 65 -0.35 27.42 1.37
C LYS C 65 -1.26 28.54 1.85
N SER C 66 -0.71 29.52 2.57
CA SER C 66 -1.50 30.63 3.09
C SER C 66 -1.95 31.60 2.00
N ARG C 67 -1.45 31.45 0.78
CA ARG C 67 -1.71 32.41 -0.28
C ARG C 67 -2.48 31.84 -1.46
N ILE C 68 -2.08 30.69 -1.99
CA ILE C 68 -2.62 30.20 -3.25
C ILE C 68 -3.99 29.57 -3.03
N SER C 69 -4.87 29.74 -4.01
CA SER C 69 -6.18 29.09 -4.01
C SER C 69 -6.54 28.79 -5.46
N ILE C 70 -6.92 27.55 -5.73
CA ILE C 70 -7.24 27.10 -7.08
C ILE C 70 -8.69 26.64 -7.10
N THR C 71 -9.43 27.13 -8.11
CA THR C 71 -10.85 26.82 -8.25
C THR C 71 -11.13 26.56 -9.72
N ARG C 72 -12.20 25.81 -9.98
CA ARG C 72 -12.52 25.39 -11.34
C ARG C 72 -13.99 25.67 -11.64
N ASP C 73 -14.28 25.84 -12.93
CA ASP C 73 -15.65 26.00 -13.42
C ASP C 73 -15.92 24.84 -14.38
N THR C 74 -16.66 23.84 -13.90
CA THR C 74 -16.85 22.61 -14.66
C THR C 74 -17.62 22.84 -15.95
N SER C 75 -18.66 23.68 -15.90
CA SER C 75 -19.57 23.80 -17.03
C SER C 75 -18.86 24.31 -18.28
N LYS C 76 -17.98 25.31 -18.14
CA LYS C 76 -17.26 25.89 -19.26
C LYS C 76 -15.83 25.37 -19.38
N ASN C 77 -15.46 24.37 -18.58
CA ASN C 77 -14.18 23.68 -18.71
C ASN C 77 -13.00 24.64 -18.51
N GLN C 78 -12.97 25.26 -17.34
CA GLN C 78 -11.88 26.15 -16.96
C GLN C 78 -11.52 25.92 -15.51
N PHE C 79 -10.24 26.12 -15.18
CA PHE C 79 -9.77 26.11 -13.81
C PHE C 79 -8.97 27.38 -13.56
N PHE C 80 -9.15 27.98 -12.38
CA PHE C 80 -8.66 29.31 -12.09
C PHE C 80 -7.62 29.26 -10.98
N LEU C 81 -6.75 30.26 -10.99
CA LEU C 81 -5.72 30.44 -9.97
C LEU C 81 -5.94 31.77 -9.27
N GLN C 82 -5.87 31.75 -7.95
CA GLN C 82 -6.05 32.96 -7.14
C GLN C 82 -4.88 33.12 -6.19
N LEU C 83 -4.34 34.33 -6.11
CA LEU C 83 -3.21 34.66 -5.22
C LEU C 83 -3.49 36.06 -4.67
N ASN C 84 -4.13 36.11 -3.50
CA ASN C 84 -4.61 37.38 -2.98
C ASN C 84 -3.48 38.33 -2.58
N PRO C 85 -2.51 37.94 -1.75
CA PRO C 85 -1.38 38.84 -1.50
C PRO C 85 -0.23 38.59 -2.46
N VAL C 86 0.32 39.67 -3.00
CA VAL C 86 1.41 39.60 -3.97
C VAL C 86 2.48 40.59 -3.56
N THR C 87 3.63 40.52 -4.24
CA THR C 87 4.78 41.38 -4.01
C THR C 87 5.58 41.35 -5.31
N THR C 88 6.49 42.32 -5.46
CA THR C 88 7.31 42.41 -6.67
C THR C 88 8.10 41.13 -6.95
N GLU C 89 8.15 40.19 -6.02
CA GLU C 89 8.83 38.93 -6.22
C GLU C 89 8.01 37.93 -7.04
N ASP C 90 6.76 38.25 -7.34
CA ASP C 90 5.90 37.37 -8.13
C ASP C 90 5.95 37.68 -9.62
N THR C 91 6.87 38.53 -10.05
CA THR C 91 7.06 38.79 -11.48
C THR C 91 7.62 37.52 -12.13
N ALA C 92 6.78 36.81 -12.87
CA ALA C 92 7.18 35.54 -13.46
C ALA C 92 6.29 35.27 -14.67
N THR C 93 6.58 34.17 -15.35
CA THR C 93 5.78 33.69 -16.48
C THR C 93 5.04 32.44 -16.02
N TYR C 94 3.71 32.55 -15.92
CA TYR C 94 2.90 31.47 -15.39
C TYR C 94 2.47 30.53 -16.50
N TYR C 95 2.35 29.24 -16.18
CA TYR C 95 2.02 28.21 -17.15
C TYR C 95 0.93 27.29 -16.62
N CYS C 96 0.17 26.72 -17.55
CA CYS C 96 -0.73 25.61 -17.26
C CYS C 96 -0.04 24.29 -17.58
N ALA C 97 -0.60 23.20 -17.04
CA ALA C 97 -0.04 21.88 -17.30
C ALA C 97 -1.05 20.81 -16.93
N ARG C 98 -1.13 19.77 -17.75
CA ARG C 98 -1.90 18.58 -17.46
C ARG C 98 -0.94 17.43 -17.19
N SER C 99 -1.07 16.81 -16.01
CA SER C 99 -0.11 15.80 -15.57
C SER C 99 -0.84 14.54 -15.13
N VAL C 100 -0.09 13.43 -15.12
CA VAL C 100 -0.62 12.16 -14.64
C VAL C 100 -0.75 12.22 -13.12
N ILE C 101 -1.76 11.51 -12.59
CA ILE C 101 -2.03 11.58 -11.15
C ILE C 101 -0.87 11.01 -10.34
N LEU C 102 -0.35 9.85 -10.76
CA LEU C 102 0.61 9.15 -9.92
C LEU C 102 1.91 9.93 -9.77
N GLY C 103 2.49 10.38 -10.88
CA GLY C 103 3.71 11.14 -10.87
C GLY C 103 3.48 12.60 -11.17
N ALA C 104 4.54 13.27 -11.60
CA ALA C 104 4.48 14.67 -12.03
C ALA C 104 5.11 14.74 -13.41
N TRP C 105 4.31 14.46 -14.44
CA TRP C 105 4.77 14.41 -15.81
C TRP C 105 3.90 15.36 -16.63
N PHE C 106 4.32 16.62 -16.70
CA PHE C 106 3.55 17.65 -17.40
C PHE C 106 3.71 17.44 -18.91
N ALA C 107 2.86 16.56 -19.44
CA ALA C 107 2.91 16.22 -20.86
C ALA C 107 2.30 17.31 -21.74
N TYR C 108 1.64 18.30 -21.16
CA TYR C 108 1.07 19.40 -21.93
C TYR C 108 1.29 20.70 -21.17
N TRP C 109 1.39 21.79 -21.91
CA TRP C 109 1.67 23.10 -21.34
C TRP C 109 0.84 24.16 -22.03
N GLY C 110 0.64 25.28 -21.34
CA GLY C 110 0.02 26.43 -21.95
C GLY C 110 1.01 27.25 -22.74
N GLN C 111 0.48 28.25 -23.46
CA GLN C 111 1.34 29.10 -24.28
C GLN C 111 2.32 29.90 -23.41
N GLY C 112 1.91 30.25 -22.20
CA GLY C 112 2.75 31.05 -21.33
C GLY C 112 2.37 32.52 -21.32
N THR C 113 1.95 33.03 -20.17
CA THR C 113 1.60 34.43 -20.02
C THR C 113 2.46 35.06 -18.93
N LEU C 114 2.81 36.32 -19.14
CA LEU C 114 3.70 37.05 -18.24
C LEU C 114 2.89 37.94 -17.32
N VAL C 115 3.17 37.86 -16.02
CA VAL C 115 2.54 38.71 -15.01
C VAL C 115 3.65 39.47 -14.31
N THR C 116 3.59 40.80 -14.38
CA THR C 116 4.57 41.67 -13.74
C THR C 116 3.92 42.41 -12.58
N VAL C 117 4.65 42.55 -11.48
CA VAL C 117 4.13 43.15 -10.26
C VAL C 117 4.92 44.42 -9.98
N SER C 118 4.25 45.56 -10.08
CA SER C 118 4.82 46.87 -9.78
C SER C 118 3.70 47.90 -9.80
N ALA C 119 3.85 48.93 -9.00
CA ALA C 119 2.84 49.98 -8.89
C ALA C 119 3.10 51.15 -9.83
N ALA C 120 4.18 51.10 -10.62
CA ALA C 120 4.48 52.17 -11.55
C ALA C 120 3.57 52.10 -12.77
N SER C 121 3.15 53.27 -13.25
CA SER C 121 2.30 53.34 -14.42
C SER C 121 2.89 54.29 -15.46
N ASP D 1 13.18 21.13 1.38
CA ASP D 1 12.92 20.50 0.09
C ASP D 1 14.21 20.00 -0.55
N ILE D 2 14.08 19.16 -1.58
CA ILE D 2 15.23 18.63 -2.28
C ILE D 2 15.78 19.68 -3.23
N LYS D 3 17.10 19.84 -3.25
CA LYS D 3 17.76 20.79 -4.13
C LYS D 3 18.41 20.01 -5.27
N MET D 4 17.98 20.29 -6.50
CA MET D 4 18.42 19.55 -7.68
C MET D 4 19.50 20.36 -8.38
N THR D 5 20.74 20.20 -7.91
CA THR D 5 21.85 20.90 -8.53
C THR D 5 22.07 20.40 -9.95
N GLN D 6 22.22 21.33 -10.89
CA GLN D 6 22.40 21.01 -12.29
C GLN D 6 23.74 21.58 -12.76
N SER D 7 24.58 20.73 -13.35
CA SER D 7 25.90 21.13 -13.78
C SER D 7 26.22 20.52 -15.15
N PRO D 8 26.91 21.25 -16.02
CA PRO D 8 27.34 22.66 -15.87
C PRO D 8 26.21 23.61 -16.20
N SER D 9 26.25 24.84 -15.68
CA SER D 9 25.17 25.78 -15.89
C SER D 9 25.09 26.23 -17.34
N LEU D 10 26.24 26.47 -17.96
CA LEU D 10 26.31 26.98 -19.33
C LEU D 10 27.47 26.32 -20.05
N MET D 11 27.16 25.46 -21.02
CA MET D 11 28.19 24.82 -21.83
C MET D 11 28.11 25.31 -23.26
N SER D 12 28.94 24.70 -24.11
CA SER D 12 28.94 24.94 -25.54
C SER D 12 29.44 23.70 -26.25
N ALA D 13 29.12 23.60 -27.54
CA ALA D 13 29.56 22.46 -28.34
C ALA D 13 29.40 22.80 -29.81
N SER D 14 29.92 21.91 -30.65
CA SER D 14 29.79 21.99 -32.10
C SER D 14 28.94 20.83 -32.61
N PRO D 15 28.30 20.98 -33.77
CA PRO D 15 27.43 19.91 -34.26
C PRO D 15 28.17 18.60 -34.47
N GLY D 16 27.50 17.50 -34.18
CA GLY D 16 28.06 16.18 -34.37
C GLY D 16 28.83 15.62 -33.20
N GLU D 17 28.94 16.35 -32.10
CA GLU D 17 29.77 15.95 -30.97
C GLU D 17 28.96 15.13 -29.97
N LYS D 18 29.55 14.90 -28.81
CA LYS D 18 28.95 14.17 -27.71
C LYS D 18 28.79 15.11 -26.53
N VAL D 19 27.58 15.21 -25.99
CA VAL D 19 27.28 16.14 -24.90
C VAL D 19 26.59 15.38 -23.78
N THR D 20 26.94 15.72 -22.54
CA THR D 20 26.34 15.13 -21.36
C THR D 20 25.97 16.22 -20.37
N MET D 21 24.88 15.97 -19.63
CA MET D 21 24.40 16.87 -18.61
C MET D 21 24.18 16.09 -17.32
N THR D 22 24.56 16.68 -16.19
CA THR D 22 24.41 16.05 -14.88
C THR D 22 23.45 16.84 -14.03
N CYS D 23 22.56 16.12 -13.34
CA CYS D 23 21.60 16.73 -12.41
C CYS D 23 21.59 15.88 -11.15
N SER D 24 22.31 16.34 -10.13
CA SER D 24 22.51 15.58 -8.90
C SER D 24 21.55 16.07 -7.83
N ALA D 25 20.88 15.13 -7.17
CA ALA D 25 19.93 15.45 -6.11
C ALA D 25 20.63 15.54 -4.76
N SER D 26 20.02 16.30 -3.85
CA SER D 26 20.54 16.42 -2.50
C SER D 26 20.22 15.19 -1.67
N SER D 27 19.07 14.56 -1.89
CA SER D 27 18.66 13.36 -1.18
C SER D 27 18.04 12.40 -2.18
N SER D 28 17.53 11.27 -1.68
CA SER D 28 16.95 10.27 -2.55
C SER D 28 15.62 10.75 -3.12
N ILE D 29 15.40 10.47 -4.41
CA ILE D 29 14.18 10.86 -5.10
C ILE D 29 13.48 9.60 -5.62
N THR D 30 12.31 9.81 -6.21
CA THR D 30 11.49 8.72 -6.71
C THR D 30 11.41 8.68 -8.23
N TYR D 31 11.07 9.80 -8.86
CA TYR D 31 10.92 9.86 -10.32
C TYR D 31 11.79 10.97 -10.87
N MET D 32 12.20 10.81 -12.13
CA MET D 32 13.10 11.75 -12.79
C MET D 32 12.55 12.12 -14.16
N TYR D 33 12.55 13.40 -14.47
CA TYR D 33 12.04 13.90 -15.74
C TYR D 33 12.99 14.96 -16.29
N TRP D 34 12.96 15.14 -17.61
CA TRP D 34 13.75 16.15 -18.29
C TRP D 34 12.86 16.93 -19.24
N TYR D 35 13.10 18.23 -19.33
CA TYR D 35 12.33 19.11 -20.19
C TYR D 35 13.27 19.98 -21.02
N GLN D 36 12.79 20.36 -22.20
CA GLN D 36 13.53 21.24 -23.10
C GLN D 36 12.75 22.54 -23.27
N GLN D 37 13.45 23.66 -23.16
CA GLN D 37 12.83 24.98 -23.31
C GLN D 37 13.66 25.82 -24.27
N LYS D 38 13.15 26.03 -25.47
CA LYS D 38 13.72 27.00 -26.39
C LYS D 38 13.25 28.40 -26.01
N PRO D 39 13.94 29.44 -26.48
CA PRO D 39 13.56 30.80 -26.07
C PRO D 39 12.13 31.15 -26.44
N ARG D 40 11.46 31.87 -25.53
CA ARG D 40 10.09 32.34 -25.73
C ARG D 40 9.13 31.21 -26.05
N SER D 41 9.25 30.10 -25.32
CA SER D 41 8.35 28.98 -25.50
C SER D 41 8.20 28.23 -24.19
N SER D 42 7.07 27.55 -24.04
CA SER D 42 6.85 26.74 -22.85
C SER D 42 7.76 25.51 -22.91
N PRO D 43 8.13 24.97 -21.74
CA PRO D 43 8.94 23.75 -21.73
C PRO D 43 8.22 22.60 -22.41
N LYS D 44 8.99 21.75 -23.08
CA LYS D 44 8.36 20.63 -23.74
C LYS D 44 8.68 19.33 -23.00
N PRO D 45 7.75 18.39 -22.95
CA PRO D 45 8.04 17.08 -22.36
C PRO D 45 9.07 16.35 -23.20
N TRP D 46 10.20 16.01 -22.58
CA TRP D 46 11.31 15.39 -23.28
C TRP D 46 11.60 13.97 -22.83
N ILE D 47 11.85 13.76 -21.54
CA ILE D 47 12.22 12.46 -21.01
C ILE D 47 11.46 12.24 -19.70
N TYR D 48 10.88 11.06 -19.55
CA TYR D 48 10.19 10.69 -18.32
C TYR D 48 10.72 9.37 -17.80
N LEU D 49 10.80 9.25 -16.48
CA LEU D 49 11.32 8.06 -15.80
C LEU D 49 12.76 7.76 -16.19
N THR D 50 13.50 8.82 -16.54
CA THR D 50 14.94 8.88 -16.76
C THR D 50 15.45 7.86 -17.77
N SER D 51 14.58 7.14 -18.42
CA SER D 51 14.97 6.27 -19.52
C SER D 51 14.13 6.45 -20.76
N ASN D 52 12.83 6.68 -20.61
CA ASN D 52 11.92 6.76 -21.73
C ASN D 52 12.01 8.12 -22.41
N LEU D 53 11.74 8.12 -23.71
CA LEU D 53 11.73 9.34 -24.51
C LEU D 53 10.29 9.70 -24.86
N ALA D 54 9.96 10.97 -24.72
CA ALA D 54 8.62 11.44 -25.05
C ALA D 54 8.37 11.32 -26.55
N SER D 55 7.12 11.52 -26.94
CA SER D 55 6.75 11.40 -28.34
C SER D 55 7.44 12.49 -29.16
N GLY D 56 7.95 12.09 -30.32
CA GLY D 56 8.64 13.02 -31.20
C GLY D 56 9.96 13.55 -30.66
N VAL D 57 10.68 12.73 -29.91
CA VAL D 57 12.02 13.07 -29.41
C VAL D 57 13.03 12.30 -30.24
N PRO D 58 14.08 12.93 -30.75
CA PRO D 58 15.03 12.22 -31.61
C PRO D 58 15.71 11.07 -30.87
N ALA D 59 15.99 10.00 -31.60
CA ALA D 59 16.58 8.80 -31.01
C ALA D 59 17.97 9.06 -30.45
N ARG D 60 18.62 10.15 -30.87
CA ARG D 60 19.95 10.47 -30.34
C ARG D 60 19.89 10.76 -28.84
N PHE D 61 18.76 11.24 -28.35
CA PHE D 61 18.63 11.56 -26.94
C PHE D 61 18.53 10.27 -26.11
N SER D 62 19.17 10.27 -24.95
CA SER D 62 19.11 9.14 -24.05
C SER D 62 19.32 9.61 -22.62
N GLY D 63 18.64 8.97 -21.68
CA GLY D 63 18.77 9.30 -20.28
C GLY D 63 19.23 8.10 -19.48
N SER D 64 19.96 8.36 -18.41
CA SER D 64 20.49 7.30 -17.55
C SER D 64 20.62 7.85 -16.13
N GLY D 65 21.33 7.11 -15.29
CA GLY D 65 21.58 7.52 -13.92
C GLY D 65 20.69 6.80 -12.93
N SER D 66 21.17 6.72 -11.69
CA SER D 66 20.41 6.12 -10.60
C SER D 66 20.94 6.66 -9.29
N GLY D 67 20.15 6.49 -8.23
CA GLY D 67 20.51 7.01 -6.94
C GLY D 67 20.15 8.48 -6.80
N THR D 68 21.17 9.35 -6.90
CA THR D 68 20.95 10.79 -6.87
C THR D 68 21.48 11.51 -8.11
N SER D 69 22.31 10.87 -8.91
CA SER D 69 22.91 11.48 -10.09
C SER D 69 22.28 10.92 -11.35
N TYR D 70 21.93 11.81 -12.28
CA TYR D 70 21.30 11.42 -13.54
C TYR D 70 21.99 12.16 -14.69
N SER D 71 21.84 11.60 -15.89
CA SER D 71 22.51 12.14 -17.06
C SER D 71 21.57 12.16 -18.26
N LEU D 72 21.71 13.19 -19.08
CA LEU D 72 21.05 13.28 -20.38
C LEU D 72 22.13 13.41 -21.44
N THR D 73 22.00 12.64 -22.52
CA THR D 73 23.05 12.56 -23.53
C THR D 73 22.44 12.52 -24.92
N ILE D 74 23.07 13.23 -25.85
CA ILE D 74 22.72 13.19 -27.26
C ILE D 74 23.86 12.52 -28.01
N SER D 75 23.53 11.53 -28.83
CA SER D 75 24.58 10.78 -29.53
C SER D 75 25.35 11.68 -30.49
N SER D 76 24.64 12.45 -31.31
CA SER D 76 25.24 13.39 -32.25
C SER D 76 24.42 14.67 -32.20
N MET D 77 24.98 15.73 -31.65
CA MET D 77 24.26 16.98 -31.49
C MET D 77 24.04 17.63 -32.86
N GLU D 78 22.80 18.06 -33.11
CA GLU D 78 22.48 18.87 -34.27
C GLU D 78 22.16 20.29 -33.80
N ALA D 79 22.08 21.20 -34.78
CA ALA D 79 21.92 22.62 -34.45
C ALA D 79 20.62 22.89 -33.70
N GLU D 80 19.59 22.10 -33.97
CA GLU D 80 18.27 22.32 -33.38
C GLU D 80 18.21 21.95 -31.90
N ASP D 81 19.25 21.33 -31.35
CA ASP D 81 19.24 20.83 -29.99
C ASP D 81 19.72 21.85 -28.96
N ALA D 82 20.01 23.08 -29.36
CA ALA D 82 20.51 24.09 -28.44
C ALA D 82 19.34 24.73 -27.71
N ALA D 83 19.12 24.32 -26.47
CA ALA D 83 18.09 24.90 -25.63
C ALA D 83 18.40 24.56 -24.17
N THR D 84 17.80 25.33 -23.26
CA THR D 84 17.96 25.05 -21.85
C THR D 84 17.25 23.75 -21.49
N TYR D 85 17.91 22.93 -20.67
CA TYR D 85 17.37 21.65 -20.24
C TYR D 85 17.18 21.65 -18.74
N TYR D 86 15.97 21.30 -18.31
CA TYR D 86 15.60 21.33 -16.90
C TYR D 86 15.31 19.91 -16.43
N CYS D 87 15.83 19.57 -15.24
CA CYS D 87 15.56 18.29 -14.61
C CYS D 87 14.59 18.51 -13.45
N GLN D 88 13.59 17.64 -13.37
CA GLN D 88 12.58 17.73 -12.33
C GLN D 88 12.45 16.39 -11.63
N GLN D 89 12.29 16.43 -10.30
CA GLN D 89 12.10 15.25 -9.50
C GLN D 89 10.73 15.30 -8.83
N TRP D 90 10.18 14.12 -8.55
CA TRP D 90 8.94 14.01 -7.78
C TRP D 90 9.11 12.89 -6.76
N SER D 91 9.37 13.27 -5.51
CA SER D 91 9.43 12.35 -4.39
C SER D 91 8.32 12.59 -3.39
N SER D 92 8.21 13.83 -2.90
CA SER D 92 7.14 14.22 -2.00
C SER D 92 6.72 15.65 -2.36
N ASN D 93 5.69 16.12 -1.67
CA ASN D 93 5.23 17.48 -1.88
C ASN D 93 6.23 18.46 -1.29
N PRO D 94 6.75 19.44 -2.05
CA PRO D 94 6.46 19.72 -3.45
C PRO D 94 7.54 19.21 -4.41
N LEU D 95 7.21 19.08 -5.69
CA LEU D 95 8.23 18.74 -6.68
C LEU D 95 9.18 19.92 -6.89
N THR D 96 10.41 19.61 -7.24
CA THR D 96 11.44 20.63 -7.41
C THR D 96 12.06 20.52 -8.79
N PHE D 97 12.24 21.66 -9.44
CA PHE D 97 12.90 21.75 -10.73
C PHE D 97 14.39 22.06 -10.55
N GLY D 98 15.14 21.89 -11.63
CA GLY D 98 16.55 22.21 -11.63
C GLY D 98 16.83 23.64 -12.07
N ALA D 99 18.07 24.07 -11.84
CA ALA D 99 18.46 25.42 -12.24
C ALA D 99 18.42 25.59 -13.76
N GLY D 100 18.87 24.57 -14.49
CA GLY D 100 18.81 24.61 -15.95
C GLY D 100 20.16 24.71 -16.61
N THR D 101 20.46 23.77 -17.50
CA THR D 101 21.69 23.77 -18.27
C THR D 101 21.38 24.27 -19.68
N LYS D 102 21.97 25.40 -20.04
CA LYS D 102 21.68 26.06 -21.32
C LYS D 102 22.75 25.68 -22.33
N LEU D 103 22.48 24.64 -23.11
CA LEU D 103 23.37 24.27 -24.20
C LEU D 103 23.43 25.38 -25.24
N GLU D 104 24.55 25.43 -25.97
CA GLU D 104 24.69 26.38 -27.07
C GLU D 104 25.35 25.72 -28.27
N ILE D 105 25.70 26.51 -29.28
CA ILE D 105 26.29 26.01 -30.52
C ILE D 105 27.55 26.82 -30.82
N LYS D 106 28.62 26.12 -31.20
CA LYS D 106 29.81 26.76 -31.73
C LYS D 106 29.64 26.99 -33.22
N ARG D 107 30.04 28.16 -33.69
CA ARG D 107 29.92 28.50 -35.11
C ARG D 107 30.93 27.72 -35.95
N ASP E 1 -6.17 -28.68 -18.23
CA ASP E 1 -6.37 -27.91 -19.45
C ASP E 1 -5.11 -27.15 -19.87
N VAL E 2 -4.22 -26.92 -18.92
CA VAL E 2 -2.96 -26.23 -19.16
C VAL E 2 -1.85 -27.27 -19.10
N GLN E 3 -1.08 -27.37 -20.19
CA GLN E 3 0.02 -28.33 -20.27
C GLN E 3 1.30 -27.58 -20.64
N LEU E 4 2.35 -27.79 -19.85
CA LEU E 4 3.66 -27.22 -20.10
C LEU E 4 4.62 -28.32 -20.50
N GLN E 5 5.33 -28.11 -21.60
CA GLN E 5 6.23 -29.12 -22.16
C GLN E 5 7.51 -28.42 -22.60
N GLU E 6 8.64 -28.79 -22.02
CA GLU E 6 9.91 -28.17 -22.33
C GLU E 6 10.75 -29.07 -23.23
N SER E 7 11.52 -28.45 -24.12
CA SER E 7 12.43 -29.16 -24.99
C SER E 7 13.72 -28.39 -25.10
N GLY E 8 14.83 -29.11 -25.25
CA GLY E 8 16.13 -28.50 -25.37
C GLY E 8 17.25 -29.50 -25.51
N PRO E 9 18.48 -29.01 -25.66
CA PRO E 9 19.63 -29.92 -25.75
C PRO E 9 19.88 -30.64 -24.44
N GLY E 10 20.50 -31.81 -24.56
CA GLY E 10 20.76 -32.64 -23.40
C GLY E 10 22.20 -32.59 -22.93
N LEU E 11 23.12 -32.26 -23.83
CA LEU E 11 24.54 -32.14 -23.51
C LEU E 11 25.05 -30.78 -23.97
N VAL E 12 25.63 -30.03 -23.05
CA VAL E 12 26.16 -28.70 -23.34
C VAL E 12 27.58 -28.61 -22.81
N LYS E 13 28.52 -28.20 -23.65
CA LYS E 13 29.90 -28.07 -23.23
C LYS E 13 30.06 -26.87 -22.31
N PRO E 14 31.10 -26.87 -21.47
CA PRO E 14 31.32 -25.73 -20.57
C PRO E 14 31.56 -24.44 -21.35
N SER E 15 31.13 -23.33 -20.77
CA SER E 15 31.25 -22.01 -21.36
C SER E 15 30.57 -21.96 -22.73
N GLN E 16 29.28 -22.31 -22.74
CA GLN E 16 28.48 -22.30 -23.94
C GLN E 16 27.06 -21.93 -23.57
N SER E 17 26.32 -21.41 -24.55
CA SER E 17 24.98 -20.91 -24.32
C SER E 17 23.99 -22.06 -24.16
N LEU E 18 23.14 -21.97 -23.14
CA LEU E 18 22.08 -22.93 -22.91
C LEU E 18 20.74 -22.33 -23.34
N SER E 19 19.99 -23.07 -24.15
CA SER E 19 18.71 -22.63 -24.64
C SER E 19 17.63 -23.65 -24.30
N LEU E 20 16.43 -23.17 -24.03
CA LEU E 20 15.31 -24.04 -23.70
C LEU E 20 14.02 -23.40 -24.19
N THR E 21 12.98 -24.22 -24.28
CA THR E 21 11.68 -23.80 -24.78
C THR E 21 10.61 -24.37 -23.84
N CYS E 22 9.44 -23.75 -23.84
CA CYS E 22 8.32 -24.25 -23.05
C CYS E 22 7.03 -23.95 -23.83
N THR E 23 6.52 -24.96 -24.51
CA THR E 23 5.31 -24.84 -25.31
C THR E 23 4.09 -25.02 -24.41
N VAL E 24 3.28 -23.99 -24.28
CA VAL E 24 2.11 -24.00 -23.43
C VAL E 24 0.88 -24.18 -24.31
N THR E 25 0.00 -25.09 -23.93
CA THR E 25 -1.23 -25.36 -24.66
C THR E 25 -2.43 -25.20 -23.74
N GLY E 26 -3.57 -24.85 -24.33
CA GLY E 26 -4.78 -24.63 -23.58
C GLY E 26 -4.89 -23.27 -22.91
N TYR E 27 -3.87 -22.42 -23.05
CA TYR E 27 -3.86 -21.12 -22.39
C TYR E 27 -2.88 -20.23 -23.15
N SER E 28 -3.04 -18.92 -22.95
CA SER E 28 -2.18 -17.92 -23.57
C SER E 28 -1.29 -17.31 -22.51
N ILE E 29 0.02 -17.30 -22.75
CA ILE E 29 0.98 -16.78 -21.78
C ILE E 29 0.96 -15.27 -21.69
N THR E 30 0.14 -14.59 -22.49
CA THR E 30 -0.08 -13.17 -22.37
C THR E 30 -1.35 -12.81 -21.60
N SER E 31 -2.24 -13.78 -21.41
CA SER E 31 -3.52 -13.50 -20.76
C SER E 31 -3.34 -13.18 -19.28
N ASP E 32 -2.60 -14.00 -18.56
CA ASP E 32 -2.48 -13.86 -17.11
C ASP E 32 -1.36 -14.75 -16.61
N TYR E 33 -1.15 -14.72 -15.29
CA TYR E 33 -0.22 -15.58 -14.57
C TYR E 33 1.24 -15.30 -14.90
N ALA E 34 2.14 -15.79 -14.07
CA ALA E 34 3.57 -15.76 -14.32
C ALA E 34 4.05 -17.13 -14.76
N TRP E 35 5.24 -17.17 -15.36
CA TRP E 35 5.79 -18.39 -15.94
C TRP E 35 7.24 -18.54 -15.51
N ASN E 36 7.50 -19.49 -14.61
CA ASN E 36 8.77 -19.62 -13.94
C ASN E 36 9.65 -20.70 -14.57
N TRP E 37 10.94 -20.65 -14.24
CA TRP E 37 11.89 -21.69 -14.59
C TRP E 37 12.55 -22.18 -13.31
N ILE E 38 12.51 -23.49 -13.09
CA ILE E 38 13.02 -24.11 -11.88
C ILE E 38 13.89 -25.29 -12.27
N ARG E 39 15.01 -25.47 -11.56
CA ARG E 39 15.92 -26.58 -11.82
C ARG E 39 16.16 -27.34 -10.54
N GLN E 40 16.47 -28.63 -10.69
CA GLN E 40 16.76 -29.52 -9.56
C GLN E 40 18.10 -30.17 -9.75
N PHE E 41 19.00 -29.97 -8.79
CA PHE E 41 20.34 -30.52 -8.86
C PHE E 41 20.31 -32.02 -8.58
N PRO E 42 21.38 -32.74 -8.95
CA PRO E 42 21.40 -34.19 -8.70
C PRO E 42 21.29 -34.56 -7.24
N GLY E 43 21.55 -33.63 -6.33
CA GLY E 43 21.36 -33.88 -4.91
C GLY E 43 19.92 -33.67 -4.49
N ASN E 44 19.02 -33.61 -5.48
CA ASN E 44 17.58 -33.43 -5.28
C ASN E 44 17.26 -32.09 -4.64
N GLU E 45 18.14 -31.11 -4.76
CA GLU E 45 17.90 -29.77 -4.25
C GLU E 45 17.23 -28.93 -5.32
N LEU E 46 16.24 -28.14 -4.91
CA LEU E 46 15.47 -27.31 -5.83
C LEU E 46 15.92 -25.86 -5.74
N GLU E 47 16.09 -25.23 -6.89
CA GLU E 47 16.44 -23.82 -6.96
C GLU E 47 15.59 -23.12 -8.00
N TRP E 48 15.06 -21.95 -7.65
CA TRP E 48 14.26 -21.16 -8.55
C TRP E 48 15.16 -20.22 -9.33
N MET E 49 14.89 -20.05 -10.62
CA MET E 49 15.77 -19.28 -11.50
C MET E 49 15.17 -17.91 -11.83
N GLY E 50 13.96 -17.89 -12.37
CA GLY E 50 13.32 -16.62 -12.70
C GLY E 50 12.00 -16.87 -13.37
N TYR E 51 11.32 -15.79 -13.72
CA TYR E 51 10.06 -15.88 -14.45
C TYR E 51 9.90 -14.67 -15.35
N ILE E 52 9.00 -14.80 -16.31
CA ILE E 52 8.54 -13.69 -17.13
C ILE E 52 7.03 -13.57 -16.95
N SER E 53 6.57 -12.36 -16.63
CA SER E 53 5.16 -12.16 -16.37
C SER E 53 4.36 -12.24 -17.67
N TYR E 54 3.04 -12.17 -17.53
CA TYR E 54 2.16 -12.19 -18.69
C TYR E 54 2.27 -10.91 -19.53
N SER E 55 2.95 -9.89 -19.03
CA SER E 55 3.16 -8.64 -19.74
C SER E 55 4.60 -8.42 -20.17
N GLY E 56 5.50 -9.35 -19.85
CA GLY E 56 6.90 -9.22 -20.22
C GLY E 56 7.82 -8.76 -19.12
N SER E 57 7.31 -8.47 -17.93
CA SER E 57 8.16 -8.10 -16.81
C SER E 57 8.84 -9.35 -16.26
N THR E 58 10.15 -9.27 -16.08
CA THR E 58 10.95 -10.42 -15.67
C THR E 58 11.72 -10.11 -14.39
N SER E 59 11.89 -11.13 -13.56
CA SER E 59 12.76 -11.06 -12.40
C SER E 59 13.63 -12.30 -12.36
N TYR E 60 14.81 -12.17 -11.78
CA TYR E 60 15.81 -13.24 -11.79
C TYR E 60 16.39 -13.44 -10.41
N ASN E 61 16.87 -14.65 -10.17
CA ASN E 61 17.53 -14.96 -8.91
C ASN E 61 18.81 -14.13 -8.78
N PRO E 62 18.99 -13.39 -7.68
CA PRO E 62 20.20 -12.56 -7.55
C PRO E 62 21.49 -13.36 -7.58
N SER E 63 21.45 -14.62 -7.18
CA SER E 63 22.67 -15.42 -7.19
C SER E 63 23.19 -15.67 -8.61
N LEU E 64 22.30 -15.57 -9.60
CA LEU E 64 22.69 -15.83 -10.99
C LEU E 64 22.04 -14.83 -11.93
N LYS E 65 21.67 -13.65 -11.43
CA LYS E 65 21.00 -12.66 -12.27
C LYS E 65 21.89 -12.17 -13.40
N SER E 66 23.22 -12.25 -13.22
CA SER E 66 24.13 -11.71 -14.23
C SER E 66 24.04 -12.48 -15.54
N ARG E 67 23.92 -13.80 -15.47
CA ARG E 67 24.08 -14.65 -16.65
C ARG E 67 22.78 -15.32 -17.08
N ILE E 68 21.63 -14.79 -16.67
CA ILE E 68 20.34 -15.37 -17.03
C ILE E 68 19.50 -14.32 -17.75
N SER E 69 18.67 -14.79 -18.69
CA SER E 69 17.75 -13.94 -19.41
C SER E 69 16.61 -14.79 -19.93
N ILE E 70 15.38 -14.30 -19.76
CA ILE E 70 14.18 -15.02 -20.15
C ILE E 70 13.42 -14.17 -21.16
N THR E 71 13.03 -14.76 -22.27
CA THR E 71 12.25 -14.11 -23.32
C THR E 71 11.08 -15.02 -23.69
N ARG E 72 10.30 -14.59 -24.67
CA ARG E 72 9.08 -15.32 -25.02
C ARG E 72 8.72 -15.04 -26.47
N ASP E 73 7.83 -15.87 -27.00
CA ASP E 73 7.29 -15.73 -28.35
C ASP E 73 5.77 -15.81 -28.24
N THR E 74 5.11 -14.65 -28.30
CA THR E 74 3.67 -14.60 -28.09
C THR E 74 2.91 -15.37 -29.16
N SER E 75 3.32 -15.24 -30.42
CA SER E 75 2.59 -15.87 -31.51
C SER E 75 2.59 -17.39 -31.38
N LYS E 76 3.73 -17.98 -31.04
CA LYS E 76 3.83 -19.42 -30.88
C LYS E 76 3.52 -19.89 -29.46
N ASN E 77 3.28 -18.96 -28.53
CA ASN E 77 2.89 -19.28 -27.16
C ASN E 77 3.98 -20.08 -26.44
N GLN E 78 5.21 -19.57 -26.52
CA GLN E 78 6.35 -20.20 -25.85
C GLN E 78 7.18 -19.12 -25.16
N PHE E 79 7.86 -19.52 -24.09
CA PHE E 79 8.81 -18.66 -23.41
C PHE E 79 10.11 -19.43 -23.20
N PHE E 80 11.23 -18.74 -23.40
CA PHE E 80 12.54 -19.38 -23.51
C PHE E 80 13.45 -18.95 -22.38
N LEU E 81 14.43 -19.81 -22.07
CA LEU E 81 15.44 -19.56 -21.06
C LEU E 81 16.82 -19.58 -21.70
N GLN E 82 17.67 -18.64 -21.31
CA GLN E 82 19.05 -18.60 -21.81
C GLN E 82 20.01 -18.37 -20.64
N LEU E 83 21.06 -19.19 -20.59
CA LEU E 83 22.11 -19.11 -19.57
C LEU E 83 23.43 -19.12 -20.33
N ASN E 84 23.95 -17.93 -20.64
CA ASN E 84 25.03 -17.84 -21.63
C ASN E 84 26.31 -18.53 -21.19
N PRO E 85 26.93 -18.19 -20.04
CA PRO E 85 28.05 -19.02 -19.57
C PRO E 85 27.60 -20.12 -18.62
N VAL E 86 28.09 -21.34 -18.81
CA VAL E 86 27.70 -22.47 -17.97
C VAL E 86 28.95 -23.23 -17.55
N THR E 87 28.79 -24.02 -16.50
CA THR E 87 29.87 -24.83 -15.94
C THR E 87 29.25 -26.14 -15.48
N THR E 88 30.09 -27.06 -15.00
CA THR E 88 29.62 -28.38 -14.60
C THR E 88 28.64 -28.33 -13.45
N GLU E 89 28.55 -27.20 -12.73
CA GLU E 89 27.59 -27.09 -11.64
C GLU E 89 26.15 -26.93 -12.15
N ASP E 90 25.95 -26.71 -13.45
CA ASP E 90 24.61 -26.52 -14.00
C ASP E 90 23.96 -27.83 -14.43
N THR E 91 24.59 -28.97 -14.14
CA THR E 91 23.93 -30.25 -14.37
C THR E 91 22.71 -30.35 -13.47
N ALA E 92 21.52 -30.31 -14.05
CA ALA E 92 20.29 -30.28 -13.26
C ALA E 92 19.14 -30.76 -14.13
N THR E 93 17.96 -30.83 -13.53
CA THR E 93 16.71 -31.12 -14.23
C THR E 93 15.85 -29.86 -14.20
N TYR E 94 15.60 -29.29 -15.37
CA TYR E 94 14.91 -28.01 -15.45
C TYR E 94 13.41 -28.20 -15.66
N TYR E 95 12.62 -27.38 -14.97
CA TYR E 95 11.16 -27.50 -14.98
C TYR E 95 10.53 -26.17 -15.35
N CYS E 96 9.36 -26.25 -15.98
CA CYS E 96 8.49 -25.10 -16.16
C CYS E 96 7.49 -25.02 -15.02
N ALA E 97 6.87 -23.84 -14.88
CA ALA E 97 5.88 -23.66 -13.82
C ALA E 97 5.06 -22.42 -14.11
N ARG E 98 3.74 -22.52 -13.90
CA ARG E 98 2.83 -21.39 -13.95
C ARG E 98 2.35 -21.11 -12.53
N SER E 99 2.61 -19.90 -12.04
CA SER E 99 2.31 -19.54 -10.67
C SER E 99 1.30 -18.40 -10.62
N VAL E 100 0.67 -18.24 -9.45
CA VAL E 100 -0.22 -17.12 -9.22
C VAL E 100 0.60 -15.83 -9.18
N ILE E 101 0.01 -14.73 -9.65
CA ILE E 101 0.76 -13.50 -9.81
C ILE E 101 1.22 -12.90 -8.49
N LEU E 102 0.46 -13.09 -7.41
CA LEU E 102 0.80 -12.42 -6.16
C LEU E 102 1.92 -13.16 -5.44
N GLY E 103 1.66 -14.40 -5.03
CA GLY E 103 2.63 -15.21 -4.34
C GLY E 103 3.39 -16.13 -5.27
N ALA E 104 3.99 -17.17 -4.68
CA ALA E 104 4.74 -18.17 -5.43
C ALA E 104 4.08 -19.52 -5.20
N TRP E 105 3.08 -19.82 -6.02
CA TRP E 105 2.32 -21.07 -5.93
C TRP E 105 2.35 -21.72 -7.30
N PHE E 106 3.32 -22.60 -7.52
CA PHE E 106 3.48 -23.28 -8.80
C PHE E 106 2.42 -24.37 -8.89
N ALA E 107 1.25 -23.99 -9.40
CA ALA E 107 0.13 -24.92 -9.51
C ALA E 107 0.25 -25.87 -10.68
N TYR E 108 1.14 -25.59 -11.64
CA TYR E 108 1.36 -26.46 -12.78
C TYR E 108 2.85 -26.60 -13.04
N TRP E 109 3.25 -27.77 -13.51
CA TRP E 109 4.66 -28.04 -13.77
C TRP E 109 4.80 -28.73 -15.12
N GLY E 110 5.99 -28.61 -15.70
CA GLY E 110 6.29 -29.31 -16.92
C GLY E 110 6.72 -30.75 -16.67
N GLN E 111 6.93 -31.47 -17.76
CA GLN E 111 7.38 -32.86 -17.65
C GLN E 111 8.75 -32.95 -17.00
N GLY E 112 9.64 -32.03 -17.33
CA GLY E 112 10.97 -32.01 -16.75
C GLY E 112 12.04 -32.59 -17.64
N THR E 113 12.84 -31.73 -18.24
CA THR E 113 13.94 -32.17 -19.11
C THR E 113 15.26 -32.09 -18.35
N LEU E 114 16.17 -32.99 -18.70
CA LEU E 114 17.46 -33.12 -18.03
C LEU E 114 18.55 -32.52 -18.90
N VAL E 115 19.39 -31.67 -18.31
CA VAL E 115 20.52 -31.05 -18.99
C VAL E 115 21.78 -31.43 -18.23
N THR E 116 22.76 -31.99 -18.95
CA THR E 116 24.04 -32.34 -18.38
C THR E 116 25.13 -31.49 -19.05
N VAL E 117 25.98 -30.88 -18.24
CA VAL E 117 27.03 -30.00 -18.74
C VAL E 117 28.37 -30.72 -18.56
N SER E 118 29.03 -31.00 -19.67
CA SER E 118 30.31 -31.69 -19.70
C SER E 118 30.86 -31.59 -21.11
N ALA E 119 32.08 -32.08 -21.30
CA ALA E 119 32.76 -31.98 -22.59
C ALA E 119 32.94 -33.33 -23.27
N ALA E 120 33.15 -34.40 -22.51
CA ALA E 120 33.35 -35.71 -23.11
C ALA E 120 32.07 -36.17 -23.81
N SER E 121 32.23 -36.73 -25.00
CA SER E 121 31.09 -37.19 -25.79
C SER E 121 31.00 -38.70 -25.80
N ASP F 1 19.83 -14.70 1.87
CA ASP F 1 18.62 -15.47 1.61
C ASP F 1 18.19 -16.24 2.85
N ILE F 2 16.99 -16.81 2.80
CA ILE F 2 16.43 -17.56 3.91
C ILE F 2 16.76 -19.03 3.73
N LYS F 3 17.33 -19.64 4.76
CA LYS F 3 17.72 -21.05 4.75
C LYS F 3 16.59 -21.86 5.37
N MET F 4 15.95 -22.71 4.57
CA MET F 4 14.83 -23.51 5.02
C MET F 4 15.33 -24.91 5.38
N THR F 5 15.16 -25.29 6.64
CA THR F 5 15.69 -26.56 7.15
C THR F 5 14.54 -27.51 7.43
N GLN F 6 14.66 -28.75 6.95
CA GLN F 6 13.68 -29.79 7.17
C GLN F 6 14.28 -30.88 8.04
N SER F 7 13.49 -31.38 8.98
CA SER F 7 13.93 -32.43 9.88
C SER F 7 12.85 -33.49 10.02
N PRO F 8 13.22 -34.77 9.99
CA PRO F 8 14.53 -35.32 9.64
C PRO F 8 14.68 -35.45 8.13
N SER F 9 15.90 -35.67 7.64
CA SER F 9 16.10 -35.81 6.20
C SER F 9 15.42 -37.06 5.66
N LEU F 10 15.47 -38.15 6.40
CA LEU F 10 14.88 -39.42 6.00
C LEU F 10 14.12 -40.02 7.17
N MET F 11 12.86 -40.37 6.95
CA MET F 11 12.05 -41.04 7.97
C MET F 11 11.38 -42.25 7.35
N SER F 12 11.17 -43.29 8.15
CA SER F 12 10.43 -44.48 7.74
C SER F 12 9.24 -44.68 8.66
N ALA F 13 8.18 -45.25 8.11
CA ALA F 13 6.97 -45.47 8.89
C ALA F 13 6.16 -46.59 8.26
N SER F 14 5.76 -47.57 9.07
CA SER F 14 4.88 -48.62 8.59
C SER F 14 3.49 -48.04 8.30
N PRO F 15 2.73 -48.66 7.40
CA PRO F 15 1.44 -48.10 7.02
C PRO F 15 0.47 -48.04 8.19
N GLY F 16 -0.41 -47.04 8.16
CA GLY F 16 -1.44 -46.87 9.16
C GLY F 16 -1.09 -45.99 10.33
N GLU F 17 0.18 -45.60 10.47
CA GLU F 17 0.61 -44.79 11.60
C GLU F 17 0.33 -43.32 11.34
N LYS F 18 0.83 -42.46 12.23
CA LYS F 18 0.74 -41.01 12.08
C LYS F 18 2.15 -40.45 12.04
N VAL F 19 2.41 -39.61 11.05
CA VAL F 19 3.75 -39.05 10.84
C VAL F 19 3.64 -37.53 10.80
N THR F 20 4.74 -36.87 11.16
CA THR F 20 4.82 -35.42 11.15
C THR F 20 6.11 -34.99 10.47
N MET F 21 6.04 -33.84 9.81
CA MET F 21 7.18 -33.24 9.13
C MET F 21 7.30 -31.81 9.59
N THR F 22 8.53 -31.36 9.84
CA THR F 22 8.78 -29.99 10.29
C THR F 22 9.73 -29.30 9.32
N CYS F 23 9.46 -28.03 9.05
CA CYS F 23 10.27 -27.21 8.13
C CYS F 23 10.46 -25.85 8.80
N SER F 24 11.62 -25.64 9.40
CA SER F 24 11.90 -24.45 10.18
C SER F 24 12.67 -23.44 9.35
N ALA F 25 12.23 -22.19 9.36
CA ALA F 25 12.86 -21.12 8.61
C ALA F 25 13.96 -20.45 9.44
N SER F 26 14.96 -19.91 8.75
CA SER F 26 16.02 -19.19 9.43
C SER F 26 15.52 -17.87 9.99
N SER F 27 14.63 -17.19 9.27
CA SER F 27 14.03 -15.94 9.72
C SER F 27 12.57 -15.93 9.30
N SER F 28 11.91 -14.79 9.47
CA SER F 28 10.48 -14.70 9.21
C SER F 28 10.19 -14.81 7.72
N ILE F 29 9.05 -15.43 7.40
CA ILE F 29 8.59 -15.59 6.03
C ILE F 29 7.15 -15.08 5.95
N THR F 30 6.65 -15.00 4.72
CA THR F 30 5.31 -14.51 4.46
C THR F 30 4.33 -15.61 4.09
N TYR F 31 4.69 -16.48 3.15
CA TYR F 31 3.81 -17.55 2.71
C TYR F 31 4.54 -18.88 2.81
N MET F 32 3.76 -19.96 2.93
CA MET F 32 4.31 -21.29 3.12
C MET F 32 3.63 -22.25 2.15
N TYR F 33 4.41 -23.13 1.53
CA TYR F 33 3.88 -24.07 0.54
C TYR F 33 4.54 -25.42 0.73
N TRP F 34 3.84 -26.47 0.31
CA TRP F 34 4.32 -27.84 0.41
C TRP F 34 4.11 -28.56 -0.91
N TYR F 35 5.06 -29.44 -1.25
CA TYR F 35 5.02 -30.22 -2.47
C TYR F 35 5.44 -31.64 -2.15
N GLN F 36 5.15 -32.57 -3.06
CA GLN F 36 5.78 -33.87 -3.05
C GLN F 36 6.34 -34.18 -4.43
N GLN F 37 7.40 -35.00 -4.47
CA GLN F 37 7.99 -35.45 -5.72
C GLN F 37 8.28 -36.94 -5.60
N LYS F 38 7.45 -37.76 -6.21
CA LYS F 38 7.81 -39.15 -6.37
C LYS F 38 8.94 -39.27 -7.38
N PRO F 39 9.71 -40.37 -7.33
CA PRO F 39 10.88 -40.47 -8.22
C PRO F 39 10.49 -40.38 -9.68
N ARG F 40 11.34 -39.69 -10.45
CA ARG F 40 11.19 -39.55 -11.89
C ARG F 40 9.85 -38.88 -12.21
N SER F 41 9.56 -37.78 -11.53
CA SER F 41 8.35 -37.00 -11.77
C SER F 41 8.56 -35.57 -11.31
N SER F 42 7.73 -34.67 -11.83
CA SER F 42 7.78 -33.29 -11.40
C SER F 42 7.06 -33.13 -10.05
N PRO F 43 7.46 -32.14 -9.25
CA PRO F 43 6.76 -31.89 -7.99
C PRO F 43 5.29 -31.56 -8.23
N LYS F 44 4.44 -32.00 -7.32
CA LYS F 44 3.01 -31.74 -7.43
C LYS F 44 2.59 -30.76 -6.35
N PRO F 45 1.83 -29.72 -6.70
CA PRO F 45 1.36 -28.79 -5.67
C PRO F 45 0.27 -29.41 -4.81
N TRP F 46 0.49 -29.40 -3.49
CA TRP F 46 -0.52 -29.84 -2.55
C TRP F 46 -1.04 -28.76 -1.63
N ILE F 47 -0.16 -28.06 -0.91
CA ILE F 47 -0.57 -27.21 0.18
C ILE F 47 -0.09 -25.79 -0.08
N TYR F 48 -1.00 -24.84 0.01
CA TYR F 48 -0.68 -23.43 -0.14
C TYR F 48 -1.22 -22.68 1.07
N LEU F 49 -0.48 -21.66 1.50
CA LEU F 49 -0.82 -20.89 2.69
C LEU F 49 -0.96 -21.79 3.92
N THR F 50 -0.11 -22.82 3.97
CA THR F 50 0.20 -23.69 5.12
C THR F 50 -1.02 -24.45 5.66
N SER F 51 -2.21 -24.20 5.12
CA SER F 51 -3.39 -24.91 5.60
C SER F 51 -4.29 -25.46 4.51
N ASN F 52 -4.27 -24.93 3.30
CA ASN F 52 -5.23 -25.28 2.26
C ASN F 52 -4.66 -26.36 1.36
N LEU F 53 -5.35 -27.49 1.28
CA LEU F 53 -4.93 -28.56 0.38
C LEU F 53 -5.38 -28.26 -1.05
N ALA F 54 -4.51 -28.55 -2.01
CA ALA F 54 -4.88 -28.38 -3.40
C ALA F 54 -5.86 -29.46 -3.83
N SER F 55 -6.48 -29.23 -5.00
CA SER F 55 -7.45 -30.18 -5.52
C SER F 55 -6.78 -31.52 -5.79
N GLY F 56 -7.44 -32.60 -5.39
CA GLY F 56 -6.94 -33.94 -5.57
C GLY F 56 -6.24 -34.53 -4.37
N VAL F 57 -5.86 -33.70 -3.39
CA VAL F 57 -5.20 -34.17 -2.18
C VAL F 57 -6.25 -34.71 -1.22
N PRO F 58 -6.14 -35.95 -0.77
CA PRO F 58 -7.12 -36.49 0.16
C PRO F 58 -7.07 -35.79 1.51
N ALA F 59 -8.19 -35.89 2.23
CA ALA F 59 -8.38 -35.14 3.47
C ALA F 59 -7.45 -35.60 4.59
N ARG F 60 -6.77 -36.73 4.44
CA ARG F 60 -5.89 -37.19 5.51
C ARG F 60 -4.66 -36.30 5.70
N PHE F 61 -4.39 -35.40 4.75
CA PHE F 61 -3.25 -34.49 4.84
C PHE F 61 -3.70 -33.18 5.48
N SER F 62 -2.82 -32.59 6.29
CA SER F 62 -3.08 -31.30 6.88
C SER F 62 -1.76 -30.61 7.18
N GLY F 63 -1.78 -29.28 7.11
CA GLY F 63 -0.61 -28.48 7.42
C GLY F 63 -0.92 -27.51 8.54
N SER F 64 0.13 -27.11 9.27
CA SER F 64 -0.02 -26.21 10.39
C SER F 64 1.32 -25.53 10.65
N GLY F 65 1.28 -24.47 11.45
CA GLY F 65 2.47 -23.77 11.84
C GLY F 65 2.35 -22.26 11.83
N SER F 66 3.28 -21.58 12.49
CA SER F 66 3.30 -20.13 12.51
C SER F 66 4.70 -19.66 12.86
N GLY F 67 5.01 -18.43 12.50
CA GLY F 67 6.33 -17.87 12.74
C GLY F 67 7.39 -18.53 11.89
N THR F 68 8.34 -19.21 12.53
CA THR F 68 9.43 -19.91 11.85
C THR F 68 9.41 -21.39 12.17
N SER F 69 8.21 -21.98 12.19
CA SER F 69 8.07 -23.41 12.44
C SER F 69 6.75 -23.86 11.84
N TYR F 70 6.82 -24.63 10.76
CA TYR F 70 5.64 -25.12 10.06
C TYR F 70 5.72 -26.65 9.98
N SER F 71 4.54 -27.27 10.01
CA SER F 71 4.46 -28.73 10.11
C SER F 71 3.49 -29.29 9.09
N LEU F 72 3.86 -30.44 8.53
CA LEU F 72 2.98 -31.25 7.68
C LEU F 72 2.82 -32.60 8.35
N THR F 73 1.57 -33.05 8.51
CA THR F 73 1.29 -34.29 9.20
C THR F 73 0.32 -35.14 8.41
N ILE F 74 0.41 -36.45 8.61
CA ILE F 74 -0.48 -37.42 7.99
C ILE F 74 -1.21 -38.15 9.11
N SER F 75 -2.54 -38.05 9.11
CA SER F 75 -3.32 -38.70 10.16
C SER F 75 -3.16 -40.22 10.12
N SER F 76 -3.20 -40.79 8.92
CA SER F 76 -3.01 -42.23 8.73
C SER F 76 -2.21 -42.43 7.44
N MET F 77 -0.97 -42.86 7.58
CA MET F 77 -0.12 -43.10 6.42
C MET F 77 -0.70 -44.22 5.56
N GLU F 78 -0.69 -44.01 4.25
CA GLU F 78 -1.17 -45.00 3.30
C GLU F 78 -0.04 -45.40 2.35
N ALA F 79 -0.38 -46.25 1.38
CA ALA F 79 0.65 -46.81 0.51
C ALA F 79 1.28 -45.75 -0.39
N GLU F 80 0.46 -44.96 -1.08
CA GLU F 80 0.99 -44.08 -2.11
C GLU F 80 1.58 -42.78 -1.57
N ASP F 81 1.79 -42.68 -0.26
CA ASP F 81 2.27 -41.44 0.33
C ASP F 81 3.79 -41.36 0.42
N ALA F 82 4.52 -42.42 0.09
CA ALA F 82 5.98 -42.43 0.23
C ALA F 82 6.60 -41.62 -0.89
N ALA F 83 7.05 -40.41 -0.56
CA ALA F 83 7.73 -39.55 -1.52
C ALA F 83 8.49 -38.48 -0.76
N THR F 84 9.38 -37.79 -1.46
CA THR F 84 10.11 -36.68 -0.89
C THR F 84 9.19 -35.46 -0.83
N TYR F 85 9.16 -34.79 0.32
CA TYR F 85 8.32 -33.63 0.53
C TYR F 85 9.18 -32.38 0.60
N TYR F 86 8.77 -31.34 -0.13
CA TYR F 86 9.51 -30.09 -0.21
C TYR F 86 8.66 -28.95 0.33
N CYS F 87 9.26 -28.12 1.17
CA CYS F 87 8.63 -26.92 1.70
C CYS F 87 9.26 -25.69 1.05
N GLN F 88 8.43 -24.73 0.69
CA GLN F 88 8.88 -23.54 0.00
C GLN F 88 8.30 -22.30 0.68
N GLN F 89 9.15 -21.29 0.87
CA GLN F 89 8.74 -20.02 1.44
C GLN F 89 8.81 -18.93 0.38
N TRP F 90 7.99 -17.90 0.56
CA TRP F 90 8.03 -16.72 -0.31
C TRP F 90 7.92 -15.48 0.58
N SER F 91 9.05 -14.80 0.79
CA SER F 91 9.08 -13.52 1.49
C SER F 91 9.51 -12.39 0.58
N SER F 92 10.66 -12.52 -0.06
CA SER F 92 11.14 -11.54 -1.02
C SER F 92 11.94 -12.29 -2.09
N ASN F 93 12.53 -11.52 -3.00
CA ASN F 93 13.35 -12.12 -4.04
C ASN F 93 14.68 -12.59 -3.46
N PRO F 94 15.06 -13.86 -3.64
CA PRO F 94 14.34 -14.93 -4.32
C PRO F 94 13.63 -15.87 -3.36
N LEU F 95 12.82 -16.78 -3.88
CA LEU F 95 12.17 -17.79 -3.04
C LEU F 95 13.10 -18.99 -2.88
N THR F 96 13.05 -19.60 -1.70
CA THR F 96 13.93 -20.72 -1.38
C THR F 96 13.10 -21.98 -1.12
N PHE F 97 13.67 -23.11 -1.51
CA PHE F 97 13.04 -24.41 -1.32
C PHE F 97 13.68 -25.14 -0.14
N GLY F 98 12.98 -26.16 0.36
CA GLY F 98 13.52 -26.99 1.40
C GLY F 98 14.54 -27.98 0.88
N ALA F 99 15.17 -28.68 1.82
CA ALA F 99 16.15 -29.70 1.45
C ALA F 99 15.49 -30.98 0.96
N GLY F 100 14.28 -31.26 1.41
CA GLY F 100 13.57 -32.45 1.00
C GLY F 100 13.64 -33.57 2.02
N THR F 101 12.51 -33.87 2.65
CA THR F 101 12.41 -34.97 3.61
C THR F 101 11.74 -36.16 2.95
N LYS F 102 12.49 -37.25 2.82
CA LYS F 102 11.99 -38.44 2.13
C LYS F 102 11.33 -39.39 3.11
N LEU F 103 10.12 -39.81 2.76
CA LEU F 103 9.34 -40.75 3.55
C LEU F 103 9.56 -42.16 3.02
N GLU F 104 9.25 -43.16 3.86
CA GLU F 104 9.46 -44.54 3.49
C GLU F 104 8.29 -45.38 3.99
N ILE F 105 8.15 -46.57 3.40
CA ILE F 105 7.12 -47.53 3.80
C ILE F 105 7.80 -48.70 4.48
N LYS F 106 7.32 -49.07 5.66
CA LYS F 106 7.82 -50.24 6.38
C LYS F 106 6.75 -51.32 6.48
N ASN G 5 25.01 10.84 31.70
CA ASN G 5 23.78 10.18 32.11
C ASN G 5 22.61 10.61 31.23
N ASP G 6 22.81 11.69 30.48
CA ASP G 6 21.77 12.20 29.59
C ASP G 6 21.52 11.29 28.39
N TRP G 7 22.43 10.35 28.12
CA TRP G 7 22.25 9.46 26.97
C TRP G 7 21.04 8.58 27.15
N GLN G 8 20.75 8.16 28.38
CA GLN G 8 19.59 7.29 28.62
C GLN G 8 18.29 8.00 28.26
N LYS G 9 18.16 9.28 28.64
CA LYS G 9 16.95 10.02 28.31
C LYS G 9 16.80 10.20 26.81
N ASN G 10 17.91 10.52 26.13
CA ASN G 10 17.87 10.72 24.68
C ASN G 10 17.55 9.41 23.96
N SER G 11 18.15 8.30 24.40
CA SER G 11 17.90 7.01 23.76
C SER G 11 16.45 6.59 23.89
N THR G 12 15.88 6.73 25.08
CA THR G 12 14.49 6.34 25.29
C THR G 12 13.54 7.26 24.52
N ARG G 13 13.82 8.56 24.53
CA ARG G 13 12.97 9.50 23.81
C ARG G 13 13.01 9.23 22.31
N LEU G 14 14.19 8.93 21.77
CA LEU G 14 14.30 8.66 20.34
C LEU G 14 13.60 7.37 19.95
N TRP G 15 13.74 6.32 20.77
CA TRP G 15 13.14 5.04 20.44
C TRP G 15 11.62 5.09 20.55
N ASN G 16 11.10 5.90 21.48
CA ASN G 16 9.65 6.04 21.60
C ASN G 16 9.04 6.65 20.35
N SER G 17 9.71 7.64 19.77
CA SER G 17 9.20 8.27 18.55
C SER G 17 9.28 7.33 17.36
N GLN G 18 10.33 6.52 17.30
CA GLN G 18 10.44 5.55 16.21
C GLN G 18 9.33 4.51 16.26
N SER G 19 8.98 4.05 17.46
CA SER G 19 7.92 3.06 17.60
C SER G 19 6.57 3.60 17.13
N SER G 20 6.32 4.89 17.36
CA SER G 20 5.07 5.49 16.91
C SER G 20 4.95 5.47 15.40
N ILE G 21 6.07 5.73 14.71
CA ILE G 21 6.06 5.71 13.24
C ILE G 21 5.80 4.30 12.73
N ASP G 22 6.37 3.29 13.39
CA ASP G 22 6.19 1.91 12.96
C ASP G 22 4.72 1.51 13.01
N GLN G 23 4.03 1.86 14.10
CA GLN G 23 2.62 1.52 14.22
C GLN G 23 1.77 2.23 13.17
N LYS G 24 2.08 3.51 12.91
CA LYS G 24 1.31 4.26 11.93
C LYS G 24 1.46 3.68 10.53
N LEU G 25 2.68 3.28 10.17
CA LEU G 25 2.91 2.68 8.86
C LEU G 25 2.18 1.36 8.72
N ALA G 26 2.25 0.51 9.75
CA ALA G 26 1.60 -0.80 9.68
C ALA G 26 0.08 -0.66 9.55
N ASN G 27 -0.50 0.29 10.28
CA ASN G 27 -1.95 0.52 10.20
C ASN G 27 -2.34 0.97 8.80
N GLN G 28 -1.49 1.75 8.15
CA GLN G 28 -1.86 2.39 6.89
C GLN G 28 -1.85 1.39 5.74
N ILE G 29 -0.95 0.41 5.79
CA ILE G 29 -0.93 -0.65 4.78
C ILE G 29 -2.16 -1.55 4.94
N ASN G 30 -2.54 -1.84 6.18
CA ASN G 30 -3.69 -2.72 6.41
C ASN G 30 -4.97 -2.13 5.83
N ASP G 31 -5.16 -0.82 5.99
CA ASP G 31 -6.34 -0.18 5.43
C ASP G 31 -6.36 -0.26 3.91
N LEU G 32 -5.20 -0.07 3.28
CA LEU G 32 -5.12 -0.23 1.83
C LEU G 32 -5.40 -1.66 1.41
N ARG G 33 -4.90 -2.63 2.19
CA ARG G 33 -5.12 -4.04 1.84
C ARG G 33 -6.61 -4.37 1.82
N GLN G 34 -7.35 -3.88 2.82
CA GLN G 34 -8.79 -4.13 2.86
C GLN G 34 -9.49 -3.51 1.65
N THR G 35 -9.08 -2.30 1.27
CA THR G 35 -9.69 -1.66 0.11
C THR G 35 -9.41 -2.43 -1.17
N VAL G 36 -8.19 -2.93 -1.34
CA VAL G 36 -7.84 -3.69 -2.54
C VAL G 36 -8.68 -4.97 -2.61
N ILE G 37 -8.83 -5.67 -1.48
CA ILE G 37 -9.65 -6.86 -1.45
C ILE G 37 -11.09 -6.52 -1.81
N TRP G 38 -11.63 -5.45 -1.21
CA TRP G 38 -12.99 -5.04 -1.52
C TRP G 38 -13.13 -4.61 -2.97
N MET G 39 -12.13 -3.87 -3.48
CA MET G 39 -12.21 -3.39 -4.85
C MET G 39 -12.20 -4.54 -5.85
N GLY G 40 -11.39 -5.56 -5.60
CA GLY G 40 -11.36 -6.72 -6.49
C GLY G 40 -12.71 -7.42 -6.56
N ASP G 41 -13.41 -7.52 -5.43
CA ASP G 41 -14.72 -8.16 -5.43
C ASP G 41 -15.71 -7.39 -6.29
N ARG G 42 -15.69 -6.05 -6.20
CA ARG G 42 -16.60 -5.26 -7.02
C ARG G 42 -16.34 -5.46 -8.50
N LEU G 43 -15.07 -5.45 -8.90
CA LEU G 43 -14.74 -5.72 -10.30
C LEU G 43 -15.08 -7.16 -10.66
N MET G 44 -14.83 -8.09 -9.74
CA MET G 44 -15.17 -9.49 -9.98
C MET G 44 -16.67 -9.65 -10.20
N SER G 45 -17.49 -8.93 -9.41
CA SER G 45 -18.94 -8.97 -9.61
C SER G 45 -19.30 -8.45 -10.99
N LEU G 46 -18.66 -7.36 -11.43
CA LEU G 46 -18.97 -6.80 -12.74
C LEU G 46 -18.57 -7.73 -13.87
N GLU G 47 -17.54 -8.57 -13.66
CA GLU G 47 -17.11 -9.50 -14.70
C GLU G 47 -18.23 -10.46 -15.06
N HIS G 48 -18.95 -10.98 -14.06
CA HIS G 48 -19.99 -11.97 -14.32
C HIS G 48 -21.13 -11.38 -15.13
N ARG G 49 -21.43 -10.10 -14.96
CA ARG G 49 -22.50 -9.45 -15.70
C ARG G 49 -22.02 -9.05 -17.09
N GLU G 72 -13.44 -15.59 -14.08
CA GLU G 72 -13.54 -16.56 -12.99
C GLU G 72 -12.16 -17.07 -12.58
N HIS G 73 -12.01 -17.35 -11.28
CA HIS G 73 -10.80 -17.94 -10.73
C HIS G 73 -9.59 -17.01 -10.85
N HIS G 74 -8.53 -17.34 -10.12
CA HIS G 74 -7.29 -16.58 -10.03
C HIS G 74 -7.50 -15.29 -9.25
N TRP G 75 -8.76 -14.97 -8.94
CA TRP G 75 -9.03 -13.94 -7.97
C TRP G 75 -9.20 -14.54 -6.57
N ASP G 76 -9.74 -15.76 -6.51
CA ASP G 76 -9.81 -16.45 -5.23
C ASP G 76 -8.43 -16.71 -4.65
N MET G 77 -7.49 -17.14 -5.50
CA MET G 77 -6.14 -17.40 -5.03
C MET G 77 -5.44 -16.12 -4.60
N VAL G 78 -5.65 -15.04 -5.34
CA VAL G 78 -5.11 -13.74 -4.92
C VAL G 78 -5.79 -13.26 -3.64
N ARG G 79 -7.10 -13.44 -3.56
CA ARG G 79 -7.83 -13.03 -2.36
C ARG G 79 -7.34 -13.78 -1.13
N ARG G 80 -7.13 -15.09 -1.25
CA ARG G 80 -6.61 -15.87 -0.13
C ARG G 80 -5.20 -15.41 0.23
N HIS G 81 -4.38 -15.12 -0.77
CA HIS G 81 -3.01 -14.68 -0.50
C HIS G 81 -3.00 -13.33 0.20
N LEU G 82 -3.92 -12.44 -0.15
CA LEU G 82 -3.92 -11.09 0.42
C LEU G 82 -4.20 -11.13 1.92
N GLN G 83 -5.20 -11.91 2.33
CA GLN G 83 -5.56 -12.02 3.74
C GLN G 83 -4.88 -13.19 4.43
N GLY G 84 -3.94 -13.84 3.77
CA GLY G 84 -3.28 -15.01 4.30
C GLY G 84 -1.79 -14.82 4.53
N ARG G 85 -1.40 -13.67 5.08
CA ARG G 85 0.00 -13.40 5.35
C ARG G 85 0.39 -13.90 6.73
N GLU G 86 1.64 -14.35 6.86
CA GLU G 86 2.18 -14.82 8.13
C GLU G 86 3.43 -14.04 8.51
N ASP G 87 3.49 -12.76 8.17
CA ASP G 87 4.61 -11.91 8.55
C ASP G 87 4.34 -11.12 9.82
N ASN G 88 3.20 -11.36 10.47
CA ASN G 88 2.84 -10.73 11.74
C ASN G 88 2.76 -9.21 11.60
N LEU G 89 3.82 -8.53 12.02
CA LEU G 89 3.96 -7.07 12.13
C LEU G 89 3.08 -6.50 13.22
N THR G 90 2.28 -7.30 13.91
CA THR G 90 1.53 -6.84 15.07
C THR G 90 2.18 -7.26 16.38
N LEU G 91 2.89 -8.37 16.41
CA LEU G 91 3.60 -8.82 17.60
C LEU G 91 5.00 -8.25 17.71
N ASP G 92 5.71 -8.10 16.58
CA ASP G 92 7.07 -7.58 16.63
C ASP G 92 7.11 -6.12 17.07
N ILE G 93 6.20 -5.29 16.52
CA ILE G 93 6.12 -3.91 16.97
C ILE G 93 5.74 -3.85 18.44
N SER G 94 4.78 -4.70 18.85
CA SER G 94 4.49 -4.84 20.26
C SER G 94 5.73 -5.27 21.03
N LYS G 95 6.39 -6.34 20.57
CA LYS G 95 7.57 -6.84 21.27
C LYS G 95 8.67 -5.79 21.33
N LEU G 96 8.76 -4.94 20.32
CA LEU G 96 9.77 -3.88 20.34
C LEU G 96 9.51 -2.89 21.47
N LYS G 97 8.24 -2.64 21.78
CA LYS G 97 7.90 -1.64 22.80
C LYS G 97 8.43 -2.04 24.17
N GLU G 98 8.32 -3.31 24.55
CA GLU G 98 8.88 -3.72 25.83
C GLU G 98 10.40 -3.57 25.85
N GLN G 99 11.06 -4.03 24.78
CA GLN G 99 12.53 -4.02 24.77
C GLN G 99 13.07 -2.63 25.08
N ILE G 100 12.38 -1.58 24.62
CA ILE G 100 12.74 -0.22 25.01
C ILE G 100 12.53 -0.03 26.51
N PHE G 101 11.47 -0.63 27.05
CA PHE G 101 11.02 -0.28 28.40
C PHE G 101 12.04 -0.66 29.46
N GLU G 102 12.54 -1.90 29.44
CA GLU G 102 13.57 -2.27 30.43
C GLU G 102 14.89 -1.60 30.09
N ALA G 103 15.09 -1.23 28.82
CA ALA G 103 16.26 -0.42 28.47
C ALA G 103 16.19 0.95 29.14
N SER G 104 14.98 1.48 29.34
CA SER G 104 14.82 2.72 30.07
C SER G 104 15.13 2.56 31.56
N LYS G 105 14.93 1.35 32.10
CA LYS G 105 15.16 1.12 33.52
C LYS G 105 16.63 1.29 33.91
N ALA G 106 17.55 1.16 32.97
CA ALA G 106 18.97 1.29 33.26
C ALA G 106 19.34 2.75 33.55
N ASN H 5 32.96 10.78 22.72
CA ASN H 5 33.24 9.41 22.33
C ASN H 5 32.57 9.07 21.00
N ASP H 6 33.00 7.95 20.40
CA ASP H 6 32.46 7.55 19.11
C ASP H 6 31.01 7.09 19.19
N TRP H 7 30.50 6.81 20.39
CA TRP H 7 29.11 6.34 20.52
C TRP H 7 28.14 7.36 19.96
N GLN H 8 28.49 8.66 20.05
CA GLN H 8 27.67 9.68 19.42
C GLN H 8 27.67 9.52 17.90
N LYS H 9 28.82 9.20 17.31
CA LYS H 9 28.88 9.00 15.87
C LYS H 9 28.06 7.80 15.43
N ASN H 10 28.23 6.66 16.12
CA ASN H 10 27.48 5.46 15.73
C ASN H 10 25.98 5.67 15.87
N SER H 11 25.55 6.31 16.96
CA SER H 11 24.13 6.59 17.12
C SER H 11 23.64 7.55 16.05
N THR H 12 24.46 8.55 15.70
CA THR H 12 24.04 9.53 14.71
C THR H 12 23.87 8.89 13.33
N ARG H 13 24.81 8.05 12.92
CA ARG H 13 24.72 7.40 11.61
C ARG H 13 23.51 6.46 11.56
N LEU H 14 23.31 5.67 12.61
CA LEU H 14 22.22 4.72 12.62
C LEU H 14 20.87 5.42 12.58
N TRP H 15 20.73 6.50 13.34
CA TRP H 15 19.46 7.23 13.35
C TRP H 15 19.25 8.01 12.06
N ASN H 16 20.32 8.57 11.50
CA ASN H 16 20.21 9.24 10.21
C ASN H 16 19.82 8.25 9.12
N SER H 17 20.41 7.06 9.14
CA SER H 17 20.03 6.02 8.19
C SER H 17 18.57 5.61 8.38
N GLN H 18 18.17 5.39 9.64
CA GLN H 18 16.83 4.89 9.90
C GLN H 18 15.75 5.86 9.45
N SER H 19 16.00 7.17 9.62
CA SER H 19 15.03 8.17 9.20
C SER H 19 14.79 8.11 7.70
N SER H 20 15.80 7.71 6.93
CA SER H 20 15.65 7.63 5.48
C SER H 20 14.63 6.58 5.08
N ILE H 21 14.65 5.41 5.74
CA ILE H 21 13.71 4.35 5.41
C ILE H 21 12.27 4.80 5.73
N ASP H 22 12.09 5.50 6.86
CA ASP H 22 10.76 5.94 7.24
C ASP H 22 10.15 6.87 6.20
N GLN H 23 10.95 7.81 5.69
CA GLN H 23 10.45 8.70 4.64
C GLN H 23 10.16 7.92 3.36
N LYS H 24 11.01 6.96 3.01
CA LYS H 24 10.80 6.19 1.79
C LYS H 24 9.57 5.32 1.90
N LEU H 25 9.32 4.73 3.07
CA LEU H 25 8.13 3.91 3.25
C LEU H 25 6.86 4.73 3.09
N ALA H 26 6.84 5.92 3.68
CA ALA H 26 5.64 6.75 3.64
C ALA H 26 5.29 7.15 2.22
N ASN H 27 6.29 7.53 1.42
CA ASN H 27 6.04 7.99 0.06
C ASN H 27 5.42 6.89 -0.79
N GLN H 28 5.88 5.64 -0.60
CA GLN H 28 5.36 4.54 -1.40
C GLN H 28 3.88 4.29 -1.12
N ILE H 29 3.47 4.42 0.15
CA ILE H 29 2.07 4.24 0.49
C ILE H 29 1.21 5.34 -0.12
N ASN H 30 1.69 6.59 -0.04
CA ASN H 30 0.91 7.70 -0.59
C ASN H 30 0.74 7.57 -2.09
N ASP H 31 1.78 7.11 -2.79
CA ASP H 31 1.63 6.84 -4.22
C ASP H 31 0.63 5.72 -4.46
N LEU H 32 0.58 4.73 -3.56
CA LEU H 32 -0.34 3.63 -3.72
C LEU H 32 -1.79 4.08 -3.56
N ARG H 33 -2.07 4.90 -2.55
CA ARG H 33 -3.45 5.33 -2.31
C ARG H 33 -3.98 6.13 -3.49
N GLN H 34 -3.16 6.99 -4.07
CA GLN H 34 -3.61 7.81 -5.20
C GLN H 34 -4.00 6.93 -6.38
N THR H 35 -3.24 5.85 -6.62
CA THR H 35 -3.63 4.89 -7.64
C THR H 35 -4.92 4.19 -7.26
N VAL H 36 -5.06 3.79 -6.00
CA VAL H 36 -6.26 3.09 -5.55
C VAL H 36 -7.47 4.01 -5.64
N ILE H 37 -7.33 5.26 -5.19
CA ILE H 37 -8.42 6.22 -5.28
C ILE H 37 -8.81 6.44 -6.74
N TRP H 38 -7.81 6.62 -7.59
CA TRP H 38 -8.08 6.80 -9.02
C TRP H 38 -8.70 5.55 -9.63
N MET H 39 -8.18 4.37 -9.24
CA MET H 39 -8.65 3.13 -9.85
C MET H 39 -10.11 2.85 -9.51
N GLY H 40 -10.51 3.11 -8.26
CA GLY H 40 -11.89 2.93 -7.89
C GLY H 40 -12.82 3.87 -8.65
N ASP H 41 -12.34 5.07 -8.94
CA ASP H 41 -13.14 6.02 -9.72
C ASP H 41 -13.43 5.47 -11.11
N ARG H 42 -12.41 4.88 -11.76
CA ARG H 42 -12.64 4.26 -13.06
C ARG H 42 -13.58 3.07 -12.94
N LEU H 43 -13.40 2.26 -11.90
CA LEU H 43 -14.31 1.13 -11.68
C LEU H 43 -15.74 1.62 -11.44
N MET H 44 -15.89 2.66 -10.63
CA MET H 44 -17.21 3.24 -10.39
C MET H 44 -17.77 3.84 -11.68
N SER H 45 -16.93 4.48 -12.48
CA SER H 45 -17.39 5.07 -13.74
C SER H 45 -17.87 3.98 -14.70
N LEU H 46 -17.15 2.86 -14.76
CA LEU H 46 -17.52 1.79 -15.67
C LEU H 46 -18.86 1.17 -15.29
N GLU H 47 -19.12 1.04 -13.98
CA GLU H 47 -20.38 0.46 -13.55
C GLU H 47 -21.57 1.29 -14.02
N HIS H 48 -21.50 2.61 -13.88
CA HIS H 48 -22.58 3.46 -14.36
C HIS H 48 -22.64 3.49 -15.88
N ARG H 49 -21.50 3.30 -16.55
CA ARG H 49 -21.52 3.18 -18.01
C ARG H 49 -22.29 1.93 -18.42
N PHE H 50 -22.31 0.91 -17.58
CA PHE H 50 -23.10 -0.28 -17.83
C PHE H 50 -24.53 -0.05 -17.36
N GLN H 51 -25.47 -0.05 -18.30
CA GLN H 51 -26.87 0.19 -17.97
C GLN H 51 -27.78 -0.31 -19.09
N GLU H 70 -26.92 2.35 -9.86
CA GLU H 70 -28.12 2.46 -9.03
C GLU H 70 -27.74 2.48 -7.55
N SER H 71 -26.47 2.16 -7.28
CA SER H 71 -25.95 2.06 -5.92
C SER H 71 -24.70 2.93 -5.77
N GLU H 72 -24.80 4.20 -6.18
CA GLU H 72 -23.67 5.11 -6.09
C GLU H 72 -23.45 5.49 -4.64
N HIS H 73 -23.01 4.52 -3.84
CA HIS H 73 -22.72 4.72 -2.43
C HIS H 73 -21.78 3.61 -1.99
N HIS H 74 -21.14 3.84 -0.85
CA HIS H 74 -20.14 2.96 -0.26
C HIS H 74 -18.84 3.00 -1.06
N TRP H 75 -18.85 3.69 -2.19
CA TRP H 75 -17.60 4.06 -2.81
C TRP H 75 -17.21 5.49 -2.43
N ASP H 76 -18.19 6.40 -2.43
CA ASP H 76 -17.94 7.75 -1.92
C ASP H 76 -17.48 7.72 -0.48
N MET H 77 -18.20 6.98 0.37
CA MET H 77 -17.87 6.95 1.79
C MET H 77 -16.50 6.32 2.02
N VAL H 78 -16.16 5.27 1.26
CA VAL H 78 -14.81 4.73 1.29
C VAL H 78 -13.82 5.74 0.75
N ARG H 79 -14.19 6.43 -0.33
CA ARG H 79 -13.31 7.45 -0.90
C ARG H 79 -13.05 8.58 0.10
N ARG H 80 -14.09 9.02 0.81
CA ARG H 80 -13.90 10.00 1.87
C ARG H 80 -12.95 9.47 2.93
N HIS H 81 -13.08 8.19 3.29
CA HIS H 81 -12.21 7.61 4.31
C HIS H 81 -10.76 7.56 3.84
N LEU H 82 -10.54 7.26 2.56
CA LEU H 82 -9.18 7.19 2.03
C LEU H 82 -8.50 8.55 2.09
N GLN H 83 -9.22 9.61 1.73
CA GLN H 83 -8.63 10.95 1.70
C GLN H 83 -8.65 11.65 3.04
N GLY H 84 -9.31 11.07 4.05
CA GLY H 84 -9.46 11.75 5.32
C GLY H 84 -8.74 11.10 6.48
N ARG H 85 -7.58 10.50 6.22
CA ARG H 85 -6.79 9.93 7.30
C ARG H 85 -6.14 11.04 8.13
N GLU H 86 -5.98 10.77 9.42
CA GLU H 86 -5.48 11.77 10.35
C GLU H 86 -4.38 11.21 11.25
N ASP H 87 -3.51 10.37 10.70
CA ASP H 87 -2.38 9.81 11.42
C ASP H 87 -1.06 10.51 11.08
N ASN H 88 -1.13 11.66 10.43
CA ASN H 88 0.03 12.50 10.13
C ASN H 88 1.04 11.81 9.22
N LEU H 89 2.12 11.29 9.82
CA LEU H 89 3.29 10.78 9.10
C LEU H 89 3.88 11.79 8.13
N THR H 90 3.74 13.08 8.43
CA THR H 90 4.47 14.12 7.72
C THR H 90 5.35 14.92 8.66
N LEU H 91 4.83 15.35 9.81
CA LEU H 91 5.61 16.12 10.77
C LEU H 91 6.16 15.26 11.90
N ASP H 92 5.63 14.06 12.13
CA ASP H 92 6.19 13.18 13.14
C ASP H 92 7.56 12.67 12.73
N ILE H 93 7.74 12.33 11.45
CA ILE H 93 9.07 12.00 10.93
C ILE H 93 9.97 13.22 11.02
N SER H 94 9.45 14.40 10.67
CA SER H 94 10.23 15.62 10.79
C SER H 94 10.59 15.90 12.25
N LYS H 95 9.66 15.62 13.16
CA LYS H 95 9.96 15.76 14.59
C LYS H 95 11.08 14.81 15.00
N LEU H 96 11.06 13.58 14.47
CA LEU H 96 12.11 12.63 14.81
C LEU H 96 13.48 13.10 14.30
N LYS H 97 13.53 13.66 13.09
CA LYS H 97 14.79 14.13 12.55
C LYS H 97 15.36 15.26 13.39
N GLU H 98 14.49 16.15 13.88
CA GLU H 98 14.96 17.23 14.76
C GLU H 98 15.51 16.67 16.06
N GLN H 99 14.89 15.62 16.59
CA GLN H 99 15.37 15.03 17.84
C GLN H 99 16.75 14.42 17.67
N ILE H 100 17.00 13.74 16.54
CA ILE H 100 18.30 13.14 16.30
C ILE H 100 19.38 14.20 16.25
N PHE H 101 19.13 15.28 15.52
CA PHE H 101 20.12 16.34 15.39
C PHE H 101 20.41 16.98 16.74
N GLU H 102 19.38 17.15 17.57
CA GLU H 102 19.59 17.66 18.92
C GLU H 102 20.44 16.72 19.75
N ALA H 103 20.21 15.41 19.62
CA ALA H 103 20.99 14.44 20.37
C ALA H 103 22.45 14.37 19.89
N SER H 104 22.68 14.64 18.61
CA SER H 104 24.03 14.57 18.07
C SER H 104 24.95 15.62 18.66
N LYS H 105 24.40 16.65 19.30
CA LYS H 105 25.20 17.72 19.88
C LYS H 105 25.73 17.39 21.26
N ALA H 106 25.39 16.23 21.81
CA ALA H 106 25.83 15.86 23.15
C ALA H 106 27.32 15.57 23.19
N ASN I 5 27.92 -2.08 31.34
CA ASN I 5 28.50 -2.19 30.01
C ASN I 5 27.57 -2.95 29.07
N ASP I 6 26.29 -2.98 29.42
CA ASP I 6 25.29 -3.69 28.64
C ASP I 6 24.59 -2.81 27.61
N TRP I 7 25.04 -1.57 27.43
CA TRP I 7 24.39 -0.66 26.49
C TRP I 7 24.44 -1.20 25.07
N GLN I 8 25.56 -1.82 24.68
CA GLN I 8 25.66 -2.37 23.34
C GLN I 8 24.66 -3.50 23.13
N LYS I 9 24.49 -4.36 24.14
CA LYS I 9 23.51 -5.43 24.02
C LYS I 9 22.09 -4.89 23.90
N ASN I 10 21.77 -3.85 24.67
CA ASN I 10 20.46 -3.22 24.53
C ASN I 10 20.30 -2.57 23.17
N SER I 11 21.32 -1.82 22.73
CA SER I 11 21.24 -1.14 21.45
C SER I 11 21.15 -2.13 20.30
N THR I 12 21.97 -3.19 20.34
CA THR I 12 21.96 -4.17 19.27
C THR I 12 20.63 -4.91 19.21
N ARG I 13 20.06 -5.26 20.37
CA ARG I 13 18.76 -5.91 20.40
C ARG I 13 17.67 -5.00 19.83
N LEU I 14 17.70 -3.72 20.23
CA LEU I 14 16.71 -2.78 19.72
C LEU I 14 16.88 -2.54 18.23
N TRP I 15 18.13 -2.43 17.77
CA TRP I 15 18.37 -2.17 16.36
C TRP I 15 18.09 -3.41 15.52
N ASN I 16 18.40 -4.60 16.05
CA ASN I 16 18.05 -5.82 15.32
C ASN I 16 16.54 -5.99 15.22
N SER I 17 15.82 -5.69 16.30
CA SER I 17 14.37 -5.75 16.25
C SER I 17 13.81 -4.69 15.30
N GLN I 18 14.38 -3.49 15.32
CA GLN I 18 13.91 -2.44 14.43
C GLN I 18 14.15 -2.81 12.97
N SER I 19 15.35 -3.27 12.65
CA SER I 19 15.70 -3.56 11.25
C SER I 19 14.82 -4.64 10.66
N SER I 20 14.36 -5.58 11.49
CA SER I 20 13.41 -6.59 11.02
C SER I 20 12.10 -5.94 10.61
N ILE I 21 11.68 -4.90 11.32
CA ILE I 21 10.39 -4.27 11.05
C ILE I 21 10.39 -3.57 9.70
N ASP I 22 11.51 -2.92 9.36
CA ASP I 22 11.58 -2.24 8.06
C ASP I 22 11.44 -3.24 6.92
N GLN I 23 12.07 -4.40 7.03
CA GLN I 23 11.99 -5.40 5.98
C GLN I 23 10.56 -5.91 5.81
N LYS I 24 9.85 -6.12 6.92
CA LYS I 24 8.47 -6.59 6.84
C LYS I 24 7.57 -5.54 6.19
N LEU I 25 7.77 -4.26 6.55
CA LEU I 25 6.98 -3.19 5.95
C LEU I 25 7.25 -3.09 4.46
N ALA I 26 8.50 -3.27 4.05
CA ALA I 26 8.85 -3.20 2.63
C ALA I 26 8.14 -4.29 1.84
N ASN I 27 8.08 -5.50 2.38
CA ASN I 27 7.52 -6.63 1.64
C ASN I 27 6.04 -6.42 1.35
N GLN I 28 5.29 -5.92 2.32
CA GLN I 28 3.85 -5.75 2.12
C GLN I 28 3.55 -4.70 1.05
N ILE I 29 4.33 -3.61 1.03
CA ILE I 29 4.12 -2.59 0.01
C ILE I 29 4.40 -3.15 -1.38
N ASN I 30 5.50 -3.89 -1.53
CA ASN I 30 5.80 -4.50 -2.82
C ASN I 30 4.73 -5.50 -3.22
N ASP I 31 4.23 -6.28 -2.25
CA ASP I 31 3.16 -7.22 -2.55
C ASP I 31 1.90 -6.50 -2.99
N LEU I 32 1.58 -5.37 -2.33
CA LEU I 32 0.38 -4.63 -2.69
C LEU I 32 0.47 -4.03 -4.10
N ARG I 33 1.62 -3.43 -4.44
CA ARG I 33 1.73 -2.78 -5.74
C ARG I 33 1.64 -3.78 -6.87
N GLN I 34 2.11 -5.01 -6.65
CA GLN I 34 1.97 -6.05 -7.66
C GLN I 34 0.51 -6.39 -7.88
N THR I 35 -0.27 -6.45 -6.80
CA THR I 35 -1.71 -6.69 -6.93
C THR I 35 -2.38 -5.53 -7.65
N VAL I 36 -1.99 -4.29 -7.32
CA VAL I 36 -2.61 -3.12 -7.95
C VAL I 36 -2.34 -3.11 -9.45
N ILE I 37 -1.11 -3.44 -9.84
CA ILE I 37 -0.77 -3.48 -11.26
C ILE I 37 -1.63 -4.54 -11.97
N TRP I 38 -1.74 -5.72 -11.37
CA TRP I 38 -2.62 -6.75 -11.92
C TRP I 38 -4.08 -6.29 -11.86
N MET I 39 -4.44 -5.60 -10.78
CA MET I 39 -5.81 -5.11 -10.63
C MET I 39 -6.17 -4.13 -11.75
N GLY I 40 -5.26 -3.20 -12.06
CA GLY I 40 -5.53 -2.24 -13.11
C GLY I 40 -5.61 -2.85 -14.48
N ASP I 41 -4.71 -3.79 -14.78
CA ASP I 41 -4.70 -4.44 -16.09
C ASP I 41 -5.99 -5.18 -16.35
N ARG I 42 -6.51 -5.88 -15.33
CA ARG I 42 -7.76 -6.60 -15.50
C ARG I 42 -8.92 -5.62 -15.70
N LEU I 43 -8.88 -4.48 -15.02
CA LEU I 43 -9.88 -3.45 -15.23
C LEU I 43 -9.81 -2.88 -16.64
N MET I 44 -8.60 -2.57 -17.10
CA MET I 44 -8.45 -2.03 -18.45
C MET I 44 -8.87 -3.04 -19.50
N SER I 45 -8.55 -4.31 -19.29
CA SER I 45 -8.95 -5.36 -20.23
C SER I 45 -10.47 -5.43 -20.32
N LEU I 46 -11.16 -5.38 -19.18
CA LEU I 46 -12.61 -5.39 -19.19
C LEU I 46 -13.17 -4.15 -19.86
N GLU I 47 -12.53 -2.99 -19.63
CA GLU I 47 -12.99 -1.76 -20.26
C GLU I 47 -12.90 -1.84 -21.77
N HIS I 48 -11.81 -2.41 -22.29
CA HIS I 48 -11.67 -2.55 -23.73
C HIS I 48 -12.67 -3.56 -24.30
N ARG I 49 -13.07 -4.55 -23.50
CA ARG I 49 -14.07 -5.52 -23.97
C ARG I 49 -15.43 -4.86 -24.13
N PHE I 50 -15.69 -3.80 -23.34
CA PHE I 50 -17.01 -3.18 -23.36
C PHE I 50 -17.30 -2.54 -24.73
N GLN I 51 -16.30 -1.91 -25.33
CA GLN I 51 -16.48 -1.28 -26.63
C GLN I 51 -16.43 -2.32 -27.75
N GLU I 70 -7.88 5.90 -26.55
CA GLU I 70 -8.61 6.69 -25.56
C GLU I 70 -7.84 6.80 -24.25
N SER I 71 -8.45 6.38 -23.15
CA SER I 71 -7.85 6.46 -21.83
C SER I 71 -6.78 5.41 -21.58
N GLU I 72 -6.63 4.42 -22.46
CA GLU I 72 -5.62 3.40 -22.25
C GLU I 72 -4.21 3.96 -22.24
N HIS I 73 -3.99 5.09 -22.92
CA HIS I 73 -2.69 5.75 -22.82
C HIS I 73 -2.43 6.24 -21.40
N HIS I 74 -3.47 6.71 -20.72
CA HIS I 74 -3.31 7.14 -19.34
C HIS I 74 -2.96 5.96 -18.44
N TRP I 75 -3.64 4.82 -18.62
CA TRP I 75 -3.34 3.66 -17.81
C TRP I 75 -1.90 3.18 -18.03
N ASP I 76 -1.41 3.29 -19.26
CA ASP I 76 -0.04 2.89 -19.53
C ASP I 76 0.95 3.78 -18.79
N MET I 77 0.70 5.08 -18.75
CA MET I 77 1.64 6.00 -18.11
C MET I 77 1.70 5.78 -16.60
N VAL I 78 0.54 5.65 -15.95
CA VAL I 78 0.52 5.39 -14.52
C VAL I 78 1.09 4.01 -14.22
N ARG I 79 0.87 3.05 -15.13
CA ARG I 79 1.43 1.71 -14.94
C ARG I 79 2.95 1.74 -14.93
N ARG I 80 3.55 2.47 -15.87
CA ARG I 80 5.00 2.57 -15.92
C ARG I 80 5.55 3.26 -14.67
N HIS I 81 4.81 4.22 -14.12
CA HIS I 81 5.25 4.89 -12.92
C HIS I 81 5.30 3.91 -11.74
N LEU I 82 4.33 3.01 -11.65
CA LEU I 82 4.33 2.02 -10.57
C LEU I 82 5.53 1.09 -10.68
N GLN I 83 5.84 0.63 -11.89
CA GLN I 83 6.97 -0.25 -12.11
C GLN I 83 8.30 0.49 -12.20
N GLY I 84 8.29 1.80 -12.34
CA GLY I 84 9.50 2.56 -12.55
C GLY I 84 9.96 3.36 -11.36
N ARG I 85 9.62 2.92 -10.16
CA ARG I 85 10.07 3.59 -8.96
C ARG I 85 11.59 3.46 -8.82
N GLU I 86 12.20 4.44 -8.18
CA GLU I 86 13.65 4.50 -8.08
C GLU I 86 14.14 4.66 -6.64
N ASP I 87 13.23 4.94 -5.70
CA ASP I 87 13.64 5.22 -4.33
C ASP I 87 14.45 4.06 -3.74
N ASN I 88 14.26 2.85 -4.25
CA ASN I 88 15.06 1.68 -3.87
C ASN I 88 14.98 1.44 -2.36
N LEU I 89 13.78 1.04 -1.94
CA LEU I 89 13.53 0.81 -0.52
C LEU I 89 14.39 -0.32 0.02
N THR I 90 14.82 -1.25 -0.83
CA THR I 90 15.83 -2.23 -0.46
C THR I 90 17.21 -1.66 -0.74
N LEU I 91 18.25 -2.46 -0.55
CA LEU I 91 19.64 -2.13 -0.85
C LEU I 91 20.17 -1.03 0.07
N ASP I 92 19.32 -0.42 0.91
CA ASP I 92 19.75 0.47 1.97
C ASP I 92 19.36 -0.03 3.34
N ILE I 93 18.30 -0.83 3.45
CA ILE I 93 18.06 -1.60 4.65
C ILE I 93 19.22 -2.55 4.89
N SER I 94 19.77 -3.11 3.82
CA SER I 94 20.97 -3.93 3.93
C SER I 94 22.15 -3.12 4.48
N LYS I 95 22.27 -1.86 4.05
CA LYS I 95 23.28 -0.97 4.62
C LYS I 95 23.03 -0.75 6.11
N LEU I 96 21.76 -0.56 6.50
CA LEU I 96 21.45 -0.36 7.91
C LEU I 96 21.81 -1.58 8.73
N LYS I 97 21.49 -2.78 8.23
CA LYS I 97 21.89 -4.00 8.93
C LYS I 97 23.40 -4.09 9.03
N GLU I 98 24.11 -3.64 8.00
CA GLU I 98 25.57 -3.61 8.06
C GLU I 98 26.06 -2.68 9.16
N GLN I 99 25.54 -1.46 9.21
CA GLN I 99 26.04 -0.46 10.15
C GLN I 99 25.95 -0.94 11.59
N ILE I 100 24.89 -1.69 11.92
CA ILE I 100 24.76 -2.23 13.27
C ILE I 100 25.88 -3.22 13.56
N PHE I 101 26.29 -3.98 12.56
CA PHE I 101 27.18 -5.11 12.78
C PHE I 101 28.53 -4.67 13.35
N GLU I 102 29.16 -3.67 12.73
CA GLU I 102 30.41 -3.18 13.29
C GLU I 102 30.19 -2.25 14.47
N ALA I 103 28.95 -1.78 14.65
CA ALA I 103 28.64 -1.01 15.84
C ALA I 103 28.64 -1.88 17.09
N SER I 104 28.20 -3.13 16.96
CA SER I 104 28.16 -4.02 18.12
C SER I 104 29.56 -4.36 18.62
N LYS I 105 30.50 -4.60 17.71
CA LYS I 105 31.86 -4.98 18.09
C LYS I 105 32.61 -3.74 18.55
N ALA I 106 32.21 -3.22 19.71
CA ALA I 106 32.83 -2.03 20.26
C ALA I 106 32.78 -2.06 21.79
#